data_9GQZ
#
_entry.id   9GQZ
#
_cell.length_a   1.00
_cell.length_b   1.00
_cell.length_c   1.00
_cell.angle_alpha   90.00
_cell.angle_beta   90.00
_cell.angle_gamma   90.00
#
_symmetry.space_group_name_H-M   'P 1'
#
loop_
_entity.id
_entity.type
_entity.pdbx_description
1 polymer 'Mitochondrial intermembrane space import and assembly protein 40'
2 polymer 'Apoptosis-inducing factor 1, mitochondrial'
3 non-polymer 'FLAVIN-ADENINE DINUCLEOTIDE'
4 non-polymer NICOTINAMIDE-ADENINE-DINUCLEOTIDE
5 water water
#
loop_
_entity_poly.entity_id
_entity_poly.type
_entity_poly.pdbx_seq_one_letter_code
_entity_poly.pdbx_strand_id
1 'polypeptide(L)'
;MSYCRQEGKDRIIFVTKEDHETPSSAELVADDPNDPYEEHGLILPNGNINWNSPSLGGMASGPCGEQFKSAFSCFHYSTE
EIKGSDCVDQFRAMQECMQKYPDLYPQEDEDEEEEREKKPAEQAEETAPIEATATKEEEGSSLEHHHHHH
;
A,F
2 'polypeptide(L)'
;MASMTGGQQMGRGSEFMGGLTPEQKQKKAALSASEGEEVPQDKAPSHVPFLLIGGGTAAFAAARSIRARDPGARVLIVSE
DPELPYMRPPLSKELWFSDDPNVTKTLRFKQWNGKERSIYFQPPSFYVSAQDLPHIENGGVAVLTGKKVVQLDVRDNMVK
LNDGSQITYEKCLIATGGTPRSLSAIDRAGAEVKSRTTLFRKIGDFRSLEKISREVKSITIIGGGFLGSELACALGRKAR
ALGTEVIQLFPEKGNMGKILPEYLSNWTMEKVRREGVKVMPNAIVQSVGVSSGKLLIKLKDGRKVETDHIVAAVGLEPNV
ELAKTGGLEIDSDFGGFRVNAELQARSNIWVAGDAACFYDIKLGRRRVEHHDHAVVSGRLAGENMTGAAKPYWHQSMFWS
DLGPDVGYEAIGLVDSSLPTVGVFAKATAQDNPKSATEQSGTGIRSESETESEASEITIPPSTPAVPQAPVQGEDYGKGV
IFYLRDKVVVGIVLWNIFNRMPIARKIIKDGEQHEDLNEVAKLFNIHEDAAALEHHHHHH
;
B,C
#
# COMPACT_ATOMS: atom_id res chain seq x y z
N SER A 2 -2.47 25.24 -39.64
CA SER A 2 -2.35 23.97 -38.94
C SER A 2 -0.88 23.58 -38.78
N TYR A 3 -0.41 23.55 -37.53
CA TYR A 3 0.98 23.25 -37.25
C TYR A 3 1.10 22.63 -35.87
N CYS A 4 2.23 21.97 -35.64
CA CYS A 4 2.51 21.28 -34.38
C CYS A 4 3.76 21.89 -33.75
N ARG A 5 3.68 22.18 -32.45
CA ARG A 5 4.79 22.75 -31.70
C ARG A 5 5.10 21.87 -30.49
N GLN A 6 6.36 21.90 -30.07
CA GLN A 6 6.84 21.06 -28.97
C GLN A 6 7.56 21.93 -27.95
N GLU A 7 7.02 22.01 -26.74
CA GLU A 7 7.64 22.70 -25.62
C GLU A 7 7.93 21.66 -24.54
N GLY A 8 9.13 21.09 -24.58
CA GLY A 8 9.48 20.05 -23.63
C GLY A 8 8.59 18.84 -23.84
N LYS A 9 7.90 18.43 -22.77
CA LYS A 9 6.97 17.31 -22.83
C LYS A 9 5.58 17.73 -23.32
N ASP A 10 5.37 19.01 -23.58
CA ASP A 10 4.09 19.52 -24.05
C ASP A 10 4.10 19.61 -25.57
N ARG A 11 3.07 19.06 -26.21
CA ARG A 11 2.92 19.08 -27.65
C ARG A 11 1.62 19.79 -27.98
N ILE A 12 1.72 20.94 -28.66
CA ILE A 12 0.56 21.74 -29.00
C ILE A 12 0.33 21.63 -30.50
N ILE A 13 -0.88 21.25 -30.88
CA ILE A 13 -1.26 21.08 -32.28
C ILE A 13 -2.47 21.97 -32.55
N PHE A 14 -2.34 22.88 -33.50
CA PHE A 14 -3.44 23.72 -33.94
C PHE A 14 -4.00 23.15 -35.23
N VAL A 15 -5.31 22.94 -35.27
CA VAL A 15 -5.99 22.39 -36.45
C VAL A 15 -7.15 23.31 -36.82
N THR A 16 -7.40 23.46 -38.12
CA THR A 16 -8.49 24.28 -38.60
C THR A 16 -9.73 23.41 -38.85
N LYS A 17 -10.79 24.05 -39.36
CA LYS A 17 -12.02 23.32 -39.64
C LYS A 17 -11.83 22.29 -40.75
N GLU A 18 -10.94 22.55 -41.70
CA GLU A 18 -10.72 21.62 -42.80
C GLU A 18 -10.16 20.29 -42.31
N ASP A 19 -9.33 20.32 -41.27
CA ASP A 19 -8.72 19.11 -40.73
C ASP A 19 -9.69 18.28 -39.90
N HIS A 20 -10.97 18.66 -39.85
CA HIS A 20 -12.00 17.92 -39.13
C HIS A 20 -11.64 17.71 -37.67
N SER B 2 30.71 -5.65 33.87
CA SER B 2 29.68 -5.39 32.87
C SER B 2 29.95 -4.07 32.15
N TYR B 3 30.62 -4.14 31.02
CA TYR B 3 31.02 -2.97 30.26
C TYR B 3 30.27 -2.90 28.93
N CYS B 4 30.10 -1.68 28.44
CA CYS B 4 29.33 -1.41 27.23
C CYS B 4 30.28 -1.02 26.09
N ARG B 5 29.72 -0.98 24.89
CA ARG B 5 30.46 -0.55 23.70
C ARG B 5 29.47 -0.17 22.62
N GLN B 6 29.65 1.03 22.06
CA GLN B 6 28.76 1.58 21.05
C GLN B 6 29.48 1.66 19.71
N GLU B 7 28.91 1.01 18.69
CA GLU B 7 29.42 1.09 17.32
C GLU B 7 28.30 1.53 16.42
N GLY B 8 28.33 2.80 16.00
CA GLY B 8 27.30 3.33 15.14
C GLY B 8 25.94 3.29 15.82
N LYS B 9 24.99 2.63 15.17
CA LYS B 9 23.63 2.50 15.70
C LYS B 9 23.45 1.26 16.56
N ASP B 10 24.50 0.46 16.73
CA ASP B 10 24.42 -0.81 17.46
C ASP B 10 25.25 -0.71 18.72
N ARG B 11 24.63 -0.95 19.87
CA ARG B 11 25.31 -0.97 21.15
C ARG B 11 25.31 -2.39 21.71
N ILE B 12 26.42 -2.79 22.32
CA ILE B 12 26.60 -4.12 22.88
C ILE B 12 26.92 -3.97 24.36
N ILE B 13 26.19 -4.73 25.20
CA ILE B 13 26.40 -4.74 26.64
C ILE B 13 26.87 -6.13 27.03
N PHE B 14 28.02 -6.21 27.69
CA PHE B 14 28.47 -7.44 28.30
C PHE B 14 27.97 -7.50 29.74
N VAL B 15 27.53 -8.68 30.17
CA VAL B 15 26.95 -8.85 31.50
C VAL B 15 27.47 -10.14 32.13
N THR B 16 27.88 -10.06 33.38
CA THR B 16 28.37 -11.18 34.15
C THR B 16 27.21 -11.92 34.80
N LYS B 17 27.41 -13.21 35.09
CA LYS B 17 26.36 -14.03 35.68
C LYS B 17 25.82 -13.41 36.97
N GLU B 18 26.71 -13.00 37.88
CA GLU B 18 26.25 -12.39 39.12
C GLU B 18 25.72 -10.99 38.90
N ASP B 19 26.25 -10.26 37.91
CA ASP B 19 25.67 -8.96 37.57
C ASP B 19 24.24 -9.11 37.07
N HIS B 20 24.00 -10.15 36.25
CA HIS B 20 22.63 -10.50 35.89
C HIS B 20 21.81 -10.87 37.11
N GLU B 21 22.40 -11.64 38.03
CA GLU B 21 21.69 -12.07 39.22
C GLU B 21 21.32 -10.89 40.11
N THR B 22 22.22 -9.92 40.25
CA THR B 22 22.00 -8.79 41.14
C THR B 22 20.77 -7.99 40.71
N PRO B 23 19.77 -7.80 41.59
CA PRO B 23 18.55 -7.03 41.31
C PRO B 23 18.85 -5.59 40.87
N ALA C 44 -26.00 8.06 19.87
CA ALA C 44 -27.08 7.78 20.81
C ALA C 44 -27.50 6.29 20.84
N PRO C 45 -27.77 5.67 19.69
CA PRO C 45 -28.10 4.23 19.71
C PRO C 45 -26.91 3.39 20.10
N SER C 46 -27.20 2.26 20.76
CA SER C 46 -26.13 1.37 21.19
C SER C 46 -25.55 0.59 20.01
N HIS C 47 -26.41 0.10 19.11
CA HIS C 47 -25.99 -0.68 17.97
C HIS C 47 -26.64 -0.17 16.71
N VAL C 48 -25.90 -0.18 15.61
CA VAL C 48 -26.42 0.24 14.31
C VAL C 48 -25.83 -0.68 13.24
N PRO C 49 -26.64 -1.16 12.29
CA PRO C 49 -26.08 -2.02 11.23
C PRO C 49 -25.04 -1.33 10.37
N PHE C 50 -25.41 -0.19 9.77
CA PHE C 50 -24.51 0.56 8.92
C PHE C 50 -24.17 1.87 9.61
N LEU C 51 -22.88 2.11 9.84
CA LEU C 51 -22.41 3.32 10.51
C LEU C 51 -21.44 4.04 9.58
N LEU C 52 -21.78 5.27 9.23
CA LEU C 52 -20.92 6.12 8.41
C LEU C 52 -20.35 7.21 9.27
N ILE C 53 -19.03 7.38 9.22
CA ILE C 53 -18.33 8.35 10.05
C ILE C 53 -18.04 9.58 9.20
N GLY C 54 -18.64 10.70 9.56
CA GLY C 54 -18.48 11.93 8.80
C GLY C 54 -19.74 12.22 8.01
N GLY C 55 -20.13 13.49 7.98
CA GLY C 55 -21.27 13.91 7.19
C GLY C 55 -20.86 14.76 6.00
N GLY C 56 -20.87 14.17 4.81
CA GLY C 56 -20.45 14.88 3.64
C GLY C 56 -20.98 14.24 2.37
N THR C 57 -20.33 14.56 1.26
CA THR C 57 -20.76 14.06 -0.03
C THR C 57 -20.58 12.55 -0.12
N ALA C 58 -19.40 12.05 0.26
CA ALA C 58 -19.14 10.62 0.19
C ALA C 58 -20.07 9.84 1.11
N ALA C 59 -20.26 10.32 2.33
CA ALA C 59 -21.13 9.63 3.28
C ALA C 59 -22.57 9.62 2.80
N PHE C 60 -23.06 10.75 2.27
CA PHE C 60 -24.44 10.78 1.78
C PHE C 60 -24.62 9.87 0.57
N ALA C 61 -23.64 9.86 -0.33
CA ALA C 61 -23.73 8.96 -1.49
C ALA C 61 -23.73 7.51 -1.05
N ALA C 62 -22.89 7.17 -0.05
CA ALA C 62 -22.87 5.80 0.46
C ALA C 62 -24.19 5.44 1.11
N ALA C 63 -24.77 6.36 1.89
CA ALA C 63 -26.06 6.08 2.51
C ALA C 63 -27.14 5.88 1.46
N ARG C 64 -27.12 6.70 0.40
CA ARG C 64 -28.10 6.54 -0.67
C ARG C 64 -27.95 5.21 -1.37
N SER C 65 -26.72 4.80 -1.68
CA SER C 65 -26.52 3.51 -2.34
C SER C 65 -26.94 2.36 -1.43
N ILE C 66 -26.58 2.43 -0.14
CA ILE C 66 -26.94 1.38 0.80
C ILE C 66 -28.46 1.25 0.91
N ARG C 67 -29.16 2.38 1.01
CA ARG C 67 -30.61 2.34 1.12
C ARG C 67 -31.27 1.92 -0.19
N ALA C 68 -30.65 2.24 -1.33
CA ALA C 68 -31.25 1.89 -2.61
C ALA C 68 -31.15 0.40 -2.89
N ARG C 69 -29.98 -0.19 -2.64
CA ARG C 69 -29.82 -1.62 -2.93
C ARG C 69 -30.12 -2.51 -1.74
N ASP C 70 -30.32 -1.94 -0.55
CA ASP C 70 -30.68 -2.69 0.65
C ASP C 70 -31.82 -1.96 1.33
N PRO C 71 -33.05 -2.11 0.85
CA PRO C 71 -34.19 -1.47 1.51
C PRO C 71 -34.33 -1.95 2.95
N GLY C 72 -34.70 -1.03 3.83
CA GLY C 72 -34.81 -1.33 5.24
C GLY C 72 -33.53 -1.22 6.03
N ALA C 73 -32.42 -0.82 5.40
CA ALA C 73 -31.17 -0.71 6.12
C ALA C 73 -31.21 0.46 7.10
N ARG C 74 -30.64 0.26 8.28
CA ARG C 74 -30.52 1.31 9.28
C ARG C 74 -29.14 1.94 9.13
N VAL C 75 -29.09 3.11 8.52
CA VAL C 75 -27.84 3.83 8.28
C VAL C 75 -27.78 5.01 9.23
N LEU C 76 -26.70 5.13 9.97
CA LEU C 76 -26.48 6.22 10.91
C LEU C 76 -25.23 6.98 10.50
N ILE C 77 -25.39 8.27 10.20
CA ILE C 77 -24.29 9.14 9.85
C ILE C 77 -23.89 9.94 11.07
N VAL C 78 -22.61 9.92 11.40
CA VAL C 78 -22.09 10.63 12.57
C VAL C 78 -21.26 11.78 12.05
N SER C 79 -21.85 12.98 12.04
CA SER C 79 -21.19 14.18 11.54
C SER C 79 -20.75 15.04 12.71
N GLU C 80 -19.48 15.45 12.70
CA GLU C 80 -18.97 16.30 13.76
C GLU C 80 -19.48 17.72 13.65
N ASP C 81 -20.06 18.10 12.50
CA ASP C 81 -20.57 19.44 12.28
C ASP C 81 -22.09 19.47 12.48
N PRO C 82 -22.61 20.58 13.02
CA PRO C 82 -24.06 20.67 13.25
C PRO C 82 -24.88 20.69 11.96
N GLU C 83 -24.27 21.02 10.82
CA GLU C 83 -25.01 21.08 9.58
C GLU C 83 -25.31 19.68 9.05
N LEU C 84 -26.45 19.56 8.39
CA LEU C 84 -26.78 18.34 7.66
C LEU C 84 -25.90 18.24 6.42
N PRO C 85 -25.78 17.05 5.83
CA PRO C 85 -24.92 16.91 4.64
C PRO C 85 -25.32 17.89 3.53
N TYR C 86 -24.31 18.52 2.94
CA TYR C 86 -24.52 19.52 1.90
C TYR C 86 -23.35 19.46 0.93
N MET C 87 -23.61 19.91 -0.30
CA MET C 87 -22.57 19.90 -1.32
C MET C 87 -21.75 21.19 -1.27
N ARG C 88 -20.43 21.04 -1.39
CA ARG C 88 -19.46 22.11 -1.27
C ARG C 88 -19.30 23.01 -2.50
N PRO C 89 -19.41 22.50 -3.73
CA PRO C 89 -19.11 23.35 -4.92
C PRO C 89 -19.91 24.64 -4.97
N PRO C 90 -21.20 24.66 -4.61
CA PRO C 90 -21.93 25.94 -4.66
C PRO C 90 -21.32 27.02 -3.81
N LEU C 91 -20.74 26.67 -2.65
CA LEU C 91 -20.11 27.64 -1.75
C LEU C 91 -18.98 28.40 -2.42
N SER C 92 -18.39 27.86 -3.48
CA SER C 92 -17.30 28.52 -4.16
C SER C 92 -17.65 29.00 -5.56
N LYS C 93 -18.72 28.48 -6.18
CA LYS C 93 -19.09 28.92 -7.51
C LYS C 93 -20.43 29.65 -7.54
N GLU C 94 -21.49 29.05 -7.01
CA GLU C 94 -22.84 29.49 -7.36
C GLU C 94 -23.42 30.49 -6.36
N LEU C 95 -23.17 30.28 -5.06
CA LEU C 95 -23.71 31.16 -4.05
C LEU C 95 -23.17 32.58 -4.17
N TRP C 96 -22.01 32.76 -4.79
CA TRP C 96 -21.41 34.08 -4.94
C TRP C 96 -22.03 34.87 -6.10
N PHE C 97 -22.63 34.20 -7.07
CA PHE C 97 -23.20 34.86 -8.24
C PHE C 97 -24.72 34.98 -8.16
N SER C 98 -25.31 34.67 -7.02
CA SER C 98 -26.76 34.75 -6.87
C SER C 98 -27.21 36.20 -6.84
N ASP C 99 -28.32 36.48 -7.53
CA ASP C 99 -28.92 37.81 -7.48
C ASP C 99 -29.71 38.05 -6.20
N ASP C 100 -30.03 37.01 -5.46
CA ASP C 100 -30.80 37.14 -4.22
C ASP C 100 -29.94 37.81 -3.16
N PRO C 101 -30.34 38.96 -2.61
CA PRO C 101 -29.52 39.62 -1.58
C PRO C 101 -29.34 38.79 -0.32
N ASN C 102 -30.34 37.99 0.06
CA ASN C 102 -30.29 37.20 1.29
C ASN C 102 -29.90 35.75 1.03
N VAL C 103 -29.03 35.52 0.04
CA VAL C 103 -28.63 34.16 -0.30
C VAL C 103 -27.84 33.51 0.83
N THR C 104 -27.11 34.32 1.62
CA THR C 104 -26.30 33.75 2.69
C THR C 104 -27.14 33.17 3.82
N LYS C 105 -28.44 33.49 3.89
CA LYS C 105 -29.30 32.94 4.91
C LYS C 105 -30.06 31.71 4.45
N THR C 106 -30.49 31.68 3.19
CA THR C 106 -31.25 30.55 2.66
C THR C 106 -30.40 29.51 1.96
N LEU C 107 -29.21 29.88 1.49
CA LEU C 107 -28.28 28.95 0.85
C LEU C 107 -28.93 28.22 -0.32
N ARG C 108 -29.62 28.98 -1.17
CA ARG C 108 -30.24 28.44 -2.37
C ARG C 108 -29.62 29.09 -3.60
N PHE C 109 -29.61 28.35 -4.71
CA PHE C 109 -28.98 28.81 -5.93
C PHE C 109 -29.66 28.16 -7.13
N LYS C 110 -29.52 28.80 -8.28
CA LYS C 110 -30.06 28.28 -9.53
C LYS C 110 -28.98 27.52 -10.28
N GLN C 111 -29.32 26.30 -10.69
CA GLN C 111 -28.41 25.48 -11.47
C GLN C 111 -28.58 25.83 -12.96
N TRP C 112 -28.02 24.99 -13.84
CA TRP C 112 -27.91 25.35 -15.25
C TRP C 112 -29.29 25.55 -15.88
N ASN C 113 -30.25 24.69 -15.56
CA ASN C 113 -31.60 24.82 -16.11
C ASN C 113 -32.37 25.89 -15.33
N GLY C 114 -33.68 25.98 -15.58
CA GLY C 114 -34.48 26.98 -14.89
C GLY C 114 -34.72 26.68 -13.43
N LYS C 115 -34.63 25.41 -13.03
CA LYS C 115 -34.89 25.05 -11.64
C LYS C 115 -33.79 25.54 -10.72
N GLU C 116 -34.14 25.73 -9.45
CA GLU C 116 -33.20 26.13 -8.42
C GLU C 116 -33.32 25.18 -7.24
N ARG C 117 -32.24 25.05 -6.48
CA ARG C 117 -32.21 24.08 -5.39
C ARG C 117 -31.34 24.62 -4.26
N SER C 118 -31.52 24.03 -3.08
CA SER C 118 -30.74 24.40 -1.91
C SER C 118 -29.39 23.70 -1.93
N ILE C 119 -28.49 24.15 -1.05
CA ILE C 119 -27.16 23.57 -0.99
C ILE C 119 -27.15 22.21 -0.30
N TYR C 120 -28.16 21.93 0.52
CA TYR C 120 -28.23 20.65 1.21
C TYR C 120 -28.65 19.55 0.25
N PHE C 121 -28.11 18.35 0.46
CA PHE C 121 -28.46 17.22 -0.39
C PHE C 121 -29.95 16.89 -0.29
N GLN C 122 -30.48 16.90 0.93
CA GLN C 122 -31.89 16.62 1.17
C GLN C 122 -32.37 17.52 2.30
N PRO C 123 -33.68 17.80 2.36
CA PRO C 123 -34.23 18.58 3.47
C PRO C 123 -34.19 17.78 4.76
N PRO C 124 -34.31 18.44 5.92
CA PRO C 124 -34.25 17.71 7.19
C PRO C 124 -35.35 16.67 7.33
N SER C 125 -36.46 16.80 6.62
CA SER C 125 -37.50 15.78 6.68
C SER C 125 -37.04 14.43 6.14
N PHE C 126 -36.01 14.43 5.28
CA PHE C 126 -35.47 13.17 4.76
C PHE C 126 -34.87 12.33 5.86
N TYR C 127 -34.10 12.95 6.76
CA TYR C 127 -33.41 12.21 7.80
C TYR C 127 -34.34 11.93 8.97
N VAL C 128 -34.06 10.82 9.65
CA VAL C 128 -34.80 10.44 10.83
C VAL C 128 -33.94 10.70 12.06
N SER C 129 -34.55 10.69 13.24
CA SER C 129 -33.81 10.82 14.47
C SER C 129 -33.07 9.53 14.80
N ALA C 130 -31.92 9.67 15.45
CA ALA C 130 -31.14 8.49 15.81
C ALA C 130 -31.84 7.65 16.87
N GLN C 131 -32.70 8.29 17.69
CA GLN C 131 -33.44 7.53 18.70
C GLN C 131 -34.42 6.56 18.05
N ASP C 132 -35.13 7.00 17.02
CA ASP C 132 -36.12 6.16 16.36
C ASP C 132 -35.53 5.27 15.27
N LEU C 133 -34.23 5.38 15.00
CA LEU C 133 -33.63 4.61 13.92
C LEU C 133 -33.77 3.10 14.11
N PRO C 134 -33.50 2.52 15.28
CA PRO C 134 -33.68 1.06 15.42
C PRO C 134 -35.11 0.60 15.29
N HIS C 135 -36.10 1.49 15.46
CA HIS C 135 -37.49 1.07 15.53
C HIS C 135 -38.33 1.45 14.31
N ILE C 136 -37.88 2.40 13.50
CA ILE C 136 -38.67 2.81 12.33
C ILE C 136 -38.72 1.68 11.32
N GLU C 137 -39.91 1.44 10.78
CA GLU C 137 -40.08 0.40 9.78
C GLU C 137 -39.39 0.79 8.48
N ASN C 138 -38.85 -0.22 7.80
CA ASN C 138 -38.15 -0.05 6.53
C ASN C 138 -36.93 0.87 6.66
N GLY C 139 -36.34 0.91 7.84
CA GLY C 139 -35.09 1.59 8.08
C GLY C 139 -35.14 3.09 7.79
N GLY C 140 -33.95 3.68 7.69
CA GLY C 140 -33.83 5.08 7.39
C GLY C 140 -32.39 5.53 7.51
N VAL C 141 -32.20 6.83 7.33
CA VAL C 141 -30.90 7.48 7.46
C VAL C 141 -31.00 8.53 8.56
N ALA C 142 -30.06 8.49 9.50
CA ALA C 142 -30.05 9.42 10.61
C ALA C 142 -28.68 10.08 10.71
N VAL C 143 -28.68 11.32 11.20
CA VAL C 143 -27.45 12.11 11.36
C VAL C 143 -27.30 12.48 12.83
N LEU C 144 -26.14 12.17 13.40
CA LEU C 144 -25.77 12.61 14.74
C LEU C 144 -24.91 13.86 14.57
N THR C 145 -25.57 15.01 14.46
CA THR C 145 -24.86 16.27 14.23
C THR C 145 -24.14 16.72 15.48
N GLY C 146 -22.95 17.29 15.30
CA GLY C 146 -22.17 17.78 16.41
C GLY C 146 -21.56 16.71 17.27
N LYS C 147 -21.42 15.49 16.76
CA LYS C 147 -20.78 14.39 17.48
C LYS C 147 -19.62 13.88 16.67
N LYS C 148 -18.44 13.89 17.26
CA LYS C 148 -17.21 13.46 16.60
C LYS C 148 -16.79 12.09 17.09
N VAL C 149 -16.56 11.17 16.15
CA VAL C 149 -16.00 9.87 16.49
C VAL C 149 -14.53 10.06 16.85
N VAL C 150 -14.17 9.76 18.10
CA VAL C 150 -12.81 9.94 18.57
C VAL C 150 -12.08 8.62 18.75
N GLN C 151 -12.79 7.50 18.91
CA GLN C 151 -12.17 6.20 19.08
C GLN C 151 -12.85 5.19 18.18
N LEU C 152 -12.05 4.38 17.50
CA LEU C 152 -12.54 3.29 16.67
C LEU C 152 -11.83 2.01 17.07
N ASP C 153 -12.60 0.95 17.30
CA ASP C 153 -12.05 -0.36 17.63
C ASP C 153 -12.57 -1.35 16.59
N VAL C 154 -11.65 -2.01 15.89
CA VAL C 154 -12.04 -2.87 14.78
C VAL C 154 -12.41 -4.27 15.28
N ARG C 155 -11.69 -4.79 16.27
CA ARG C 155 -11.93 -6.15 16.73
C ARG C 155 -13.32 -6.28 17.35
N ASP C 156 -13.75 -5.29 18.13
CA ASP C 156 -15.07 -5.31 18.73
C ASP C 156 -16.12 -4.63 17.87
N ASN C 157 -15.72 -4.00 16.75
CA ASN C 157 -16.64 -3.27 15.87
C ASN C 157 -17.41 -2.20 16.64
N MET C 158 -16.64 -1.30 17.27
CA MET C 158 -17.20 -0.32 18.19
C MET C 158 -16.53 1.02 17.97
N VAL C 159 -17.31 2.09 18.15
CA VAL C 159 -16.81 3.45 18.09
C VAL C 159 -17.23 4.19 19.36
N LYS C 160 -16.44 5.18 19.74
CA LYS C 160 -16.71 6.00 20.91
C LYS C 160 -16.68 7.47 20.49
N LEU C 161 -17.70 8.22 20.91
CA LEU C 161 -17.87 9.60 20.49
C LEU C 161 -17.17 10.55 21.48
N ASN C 162 -17.20 11.84 21.15
CA ASN C 162 -16.59 12.86 22.00
C ASN C 162 -17.32 13.01 23.33
N ASP C 163 -18.60 12.63 23.40
CA ASP C 163 -19.36 12.71 24.64
C ASP C 163 -19.26 11.45 25.48
N GLY C 164 -18.46 10.48 25.06
CA GLY C 164 -18.29 9.23 25.78
C GLY C 164 -19.27 8.14 25.41
N SER C 165 -20.21 8.41 24.52
CA SER C 165 -21.14 7.38 24.08
C SER C 165 -20.41 6.35 23.20
N GLN C 166 -20.94 5.13 23.19
CA GLN C 166 -20.34 4.03 22.45
C GLN C 166 -21.41 3.39 21.57
N ILE C 167 -21.08 3.18 20.30
CA ILE C 167 -21.99 2.59 19.33
C ILE C 167 -21.33 1.36 18.73
N THR C 168 -22.07 0.25 18.67
CA THR C 168 -21.61 -0.95 18.00
C THR C 168 -22.14 -0.97 16.57
N TYR C 169 -21.30 -1.42 15.64
CA TYR C 169 -21.66 -1.46 14.23
C TYR C 169 -21.35 -2.83 13.65
N GLU C 170 -22.04 -3.14 12.55
CA GLU C 170 -21.73 -4.30 11.72
C GLU C 170 -20.83 -3.94 10.54
N LYS C 171 -21.22 -2.92 9.78
CA LYS C 171 -20.41 -2.37 8.69
C LYS C 171 -20.14 -0.91 8.97
N CYS C 172 -18.94 -0.46 8.62
CA CYS C 172 -18.55 0.92 8.90
C CYS C 172 -17.89 1.54 7.68
N LEU C 173 -18.25 2.77 7.37
CA LEU C 173 -17.59 3.58 6.36
C LEU C 173 -16.91 4.76 7.02
N ILE C 174 -15.67 5.03 6.63
CA ILE C 174 -14.93 6.19 7.10
C ILE C 174 -14.88 7.18 5.95
N ALA C 175 -15.74 8.20 6.01
CA ALA C 175 -15.79 9.23 4.98
C ALA C 175 -15.53 10.59 5.60
N THR C 176 -14.50 10.67 6.45
CA THR C 176 -14.20 11.89 7.17
C THR C 176 -13.69 13.01 6.28
N GLY C 177 -13.38 12.72 5.02
CA GLY C 177 -12.93 13.77 4.12
C GLY C 177 -11.60 14.35 4.55
N GLY C 178 -11.50 15.68 4.46
CA GLY C 178 -10.29 16.37 4.83
C GLY C 178 -10.59 17.71 5.48
N THR C 179 -9.54 18.35 5.95
CA THR C 179 -9.61 19.67 6.56
C THR C 179 -8.62 20.59 5.86
N PRO C 180 -8.95 21.87 5.72
CA PRO C 180 -8.04 22.79 5.03
C PRO C 180 -6.68 22.88 5.71
N ARG C 181 -5.62 22.75 4.92
CA ARG C 181 -4.28 23.00 5.43
C ARG C 181 -4.11 24.48 5.74
N SER C 182 -3.16 24.76 6.63
CA SER C 182 -2.88 26.13 7.06
C SER C 182 -1.45 26.49 6.70
N LEU C 183 -1.25 27.77 6.37
CA LEU C 183 0.09 28.27 6.11
C LEU C 183 0.89 28.34 7.40
N SER C 184 2.16 27.95 7.33
CA SER C 184 3.02 28.00 8.50
C SER C 184 3.26 29.44 8.95
N ALA C 185 3.38 30.36 7.99
CA ALA C 185 3.54 31.77 8.32
C ALA C 185 2.32 32.33 9.03
N ILE C 186 1.14 31.78 8.75
CA ILE C 186 -0.06 32.17 9.50
C ILE C 186 0.03 31.68 10.94
N ASP C 187 0.49 30.43 11.13
CA ASP C 187 0.61 29.88 12.47
C ASP C 187 1.62 30.65 13.30
N ARG C 188 2.80 30.94 12.73
CA ARG C 188 3.81 31.68 13.49
C ARG C 188 3.47 33.16 13.63
N ALA C 189 2.44 33.65 12.92
CA ALA C 189 2.14 35.07 12.96
C ALA C 189 1.62 35.51 14.32
N GLY C 190 0.68 34.75 14.88
CA GLY C 190 0.10 35.11 16.17
C GLY C 190 -1.39 34.83 16.24
N ALA C 191 -2.11 35.65 17.01
CA ALA C 191 -3.55 35.48 17.16
C ALA C 191 -4.37 36.46 16.31
N GLU C 192 -3.89 37.69 16.16
CA GLU C 192 -4.61 38.67 15.34
C GLU C 192 -4.71 38.20 13.90
N VAL C 193 -3.61 37.70 13.34
CA VAL C 193 -3.60 37.23 11.95
C VAL C 193 -4.53 36.05 11.79
N LYS C 194 -4.46 35.08 12.70
CA LYS C 194 -5.33 33.92 12.62
C LYS C 194 -6.80 34.32 12.76
N SER C 195 -7.09 35.37 13.53
CA SER C 195 -8.45 35.89 13.59
C SER C 195 -8.88 36.45 12.23
N ARG C 196 -7.96 37.09 11.51
CA ARG C 196 -8.24 37.70 10.22
C ARG C 196 -7.83 36.81 9.05
N THR C 197 -7.73 35.50 9.28
CA THR C 197 -7.43 34.54 8.23
C THR C 197 -8.54 33.51 8.18
N THR C 198 -8.95 33.14 6.97
CA THR C 198 -10.10 32.27 6.75
C THR C 198 -9.66 31.00 6.03
N LEU C 199 -9.88 29.86 6.67
CA LEU C 199 -9.80 28.57 6.00
C LEU C 199 -11.18 28.20 5.48
N PHE C 200 -11.30 28.03 4.18
CA PHE C 200 -12.60 28.02 3.50
C PHE C 200 -12.97 26.59 3.13
N ARG C 201 -13.80 25.95 3.96
CA ARG C 201 -14.39 24.67 3.55
C ARG C 201 -15.86 24.51 3.93
N LYS C 202 -16.40 25.31 4.84
CA LYS C 202 -17.73 25.06 5.38
C LYS C 202 -18.67 26.22 5.08
N ILE C 203 -19.95 26.00 5.42
CA ILE C 203 -20.97 27.03 5.20
C ILE C 203 -20.68 28.26 6.05
N GLY C 204 -20.28 28.06 7.30
CA GLY C 204 -19.92 29.18 8.14
C GLY C 204 -18.76 29.98 7.58
N ASP C 205 -17.79 29.28 6.99
CA ASP C 205 -16.68 29.97 6.33
C ASP C 205 -17.19 30.81 5.16
N PHE C 206 -18.13 30.27 4.38
CA PHE C 206 -18.72 31.03 3.29
C PHE C 206 -19.40 32.30 3.81
N ARG C 207 -20.20 32.16 4.87
CA ARG C 207 -20.90 33.32 5.42
C ARG C 207 -19.92 34.37 5.93
N SER C 208 -18.89 33.93 6.66
CA SER C 208 -17.89 34.86 7.17
C SER C 208 -17.17 35.58 6.05
N LEU C 209 -16.77 34.84 5.00
CA LEU C 209 -16.03 35.46 3.90
C LEU C 209 -16.93 36.41 3.11
N GLU C 210 -18.21 36.05 2.93
CA GLU C 210 -19.12 36.95 2.21
C GLU C 210 -19.33 38.24 2.99
N LYS C 211 -19.52 38.13 4.31
CA LYS C 211 -19.67 39.33 5.13
C LYS C 211 -18.40 40.18 5.08
N ILE C 212 -17.24 39.55 5.15
CA ILE C 212 -15.98 40.28 5.07
C ILE C 212 -15.86 40.99 3.73
N SER C 213 -16.21 40.31 2.64
CA SER C 213 -16.13 40.92 1.32
C SER C 213 -17.07 42.11 1.21
N ARG C 214 -18.27 42.00 1.78
CA ARG C 214 -19.17 43.14 1.80
C ARG C 214 -18.62 44.28 2.66
N GLU C 215 -17.84 43.95 3.69
CA GLU C 215 -17.35 44.96 4.62
C GLU C 215 -15.99 45.53 4.22
N VAL C 216 -14.97 44.67 4.13
CA VAL C 216 -13.60 45.14 3.91
C VAL C 216 -13.39 45.47 2.45
N LYS C 217 -12.26 46.11 2.13
CA LYS C 217 -11.92 46.44 0.75
C LYS C 217 -11.04 45.37 0.10
N SER C 218 -9.85 45.14 0.67
CA SER C 218 -8.87 44.26 0.08
C SER C 218 -8.97 42.85 0.67
N ILE C 219 -9.00 41.85 -0.20
CA ILE C 219 -8.96 40.45 0.21
C ILE C 219 -7.87 39.77 -0.61
N THR C 220 -7.03 38.98 0.06
CA THR C 220 -5.93 38.26 -0.59
C THR C 220 -6.19 36.76 -0.50
N ILE C 221 -6.22 36.10 -1.65
CA ILE C 221 -6.33 34.66 -1.71
C ILE C 221 -4.93 34.06 -1.82
N ILE C 222 -4.65 33.07 -0.98
CA ILE C 222 -3.37 32.37 -1.00
C ILE C 222 -3.61 30.96 -1.53
N GLY C 223 -2.91 30.60 -2.59
CA GLY C 223 -3.11 29.32 -3.25
C GLY C 223 -3.77 29.45 -4.60
N GLY C 224 -3.13 28.90 -5.62
CA GLY C 224 -3.63 29.02 -6.99
C GLY C 224 -4.29 27.76 -7.49
N GLY C 225 -4.66 26.86 -6.59
CA GLY C 225 -5.30 25.63 -6.98
C GLY C 225 -6.74 25.80 -7.39
N PHE C 226 -7.57 24.78 -7.16
CA PHE C 226 -8.96 24.85 -7.55
C PHE C 226 -9.71 25.91 -6.75
N LEU C 227 -9.76 25.73 -5.43
CA LEU C 227 -10.54 26.61 -4.58
C LEU C 227 -10.02 28.03 -4.61
N GLY C 228 -8.69 28.20 -4.61
CA GLY C 228 -8.12 29.53 -4.67
C GLY C 228 -8.56 30.28 -5.92
N SER C 229 -8.50 29.62 -7.08
CA SER C 229 -8.88 30.26 -8.32
C SER C 229 -10.37 30.56 -8.37
N GLU C 230 -11.21 29.60 -7.94
CA GLU C 230 -12.65 29.83 -7.96
C GLU C 230 -13.04 30.98 -7.05
N LEU C 231 -12.50 31.01 -5.83
CA LEU C 231 -12.81 32.11 -4.92
C LEU C 231 -12.25 33.42 -5.42
N ALA C 232 -11.08 33.40 -6.06
CA ALA C 232 -10.54 34.62 -6.64
C ALA C 232 -11.47 35.18 -7.71
N CYS C 233 -11.99 34.30 -8.59
CA CYS C 233 -12.90 34.77 -9.62
C CYS C 233 -14.19 35.33 -9.02
N ALA C 234 -14.74 34.63 -8.01
CA ALA C 234 -15.98 35.09 -7.39
C ALA C 234 -15.78 36.45 -6.70
N LEU C 235 -14.69 36.58 -5.95
CA LEU C 235 -14.42 37.83 -5.26
C LEU C 235 -14.08 38.95 -6.24
N GLY C 236 -13.45 38.62 -7.37
CA GLY C 236 -13.20 39.64 -8.38
C GLY C 236 -14.48 40.15 -9.01
N ARG C 237 -15.42 39.24 -9.29
CA ARG C 237 -16.73 39.69 -9.77
C ARG C 237 -17.43 40.57 -8.74
N LYS C 238 -17.38 40.16 -7.47
CA LYS C 238 -17.99 40.97 -6.41
C LYS C 238 -17.33 42.34 -6.31
N ALA C 239 -16.01 42.39 -6.42
CA ALA C 239 -15.29 43.66 -6.35
C ALA C 239 -15.64 44.55 -7.52
N ARG C 240 -15.68 43.99 -8.73
CA ARG C 240 -16.09 44.79 -9.89
C ARG C 240 -17.49 45.33 -9.71
N ALA C 241 -18.37 44.55 -9.06
CA ALA C 241 -19.69 45.06 -8.72
C ALA C 241 -19.59 46.23 -7.73
N LEU C 242 -18.70 46.11 -6.75
CA LEU C 242 -18.57 47.12 -5.69
C LEU C 242 -17.51 48.17 -5.99
N GLY C 243 -16.29 47.74 -6.32
CA GLY C 243 -15.19 48.66 -6.54
C GLY C 243 -14.05 48.47 -5.56
N THR C 244 -13.85 47.24 -5.11
CA THR C 244 -12.82 46.91 -4.13
C THR C 244 -11.68 46.14 -4.80
N GLU C 245 -10.72 45.72 -4.00
CA GLU C 245 -9.50 45.08 -4.49
C GLU C 245 -9.48 43.60 -4.09
N VAL C 246 -9.12 42.74 -5.04
CA VAL C 246 -8.99 41.31 -4.82
C VAL C 246 -7.65 40.85 -5.36
N ILE C 247 -6.88 40.14 -4.53
CA ILE C 247 -5.54 39.69 -4.90
C ILE C 247 -5.47 38.17 -4.72
N GLN C 248 -4.75 37.52 -5.63
CA GLN C 248 -4.47 36.09 -5.54
C GLN C 248 -2.99 35.87 -5.79
N LEU C 249 -2.36 35.12 -4.89
CA LEU C 249 -0.94 34.80 -5.01
C LEU C 249 -0.73 33.32 -4.77
N PHE C 250 0.26 32.75 -5.45
CA PHE C 250 0.55 31.33 -5.37
C PHE C 250 2.00 31.12 -5.80
N PRO C 251 2.62 30.00 -5.38
CA PRO C 251 4.02 29.75 -5.78
C PRO C 251 4.20 29.30 -7.21
N GLU C 252 3.15 28.76 -7.86
CA GLU C 252 3.30 28.27 -9.22
C GLU C 252 3.45 29.42 -10.21
N LYS C 253 3.59 29.07 -11.48
CA LYS C 253 3.68 30.04 -12.56
C LYS C 253 2.32 30.45 -13.12
N GLY C 254 1.25 29.76 -12.74
CA GLY C 254 -0.07 30.10 -13.23
C GLY C 254 -1.13 29.34 -12.47
N ASN C 255 -2.38 29.71 -12.74
CA ASN C 255 -3.51 29.07 -12.09
C ASN C 255 -3.61 27.61 -12.50
N MET C 256 -3.90 26.74 -11.52
CA MET C 256 -3.99 25.30 -11.74
C MET C 256 -2.71 24.76 -12.38
N GLY C 257 -1.57 25.16 -11.81
CA GLY C 257 -0.29 24.71 -12.32
C GLY C 257 -0.02 23.23 -12.16
N LYS C 258 -0.67 22.60 -11.19
CA LYS C 258 -0.51 21.17 -10.96
C LYS C 258 -1.48 20.32 -11.78
N ILE C 259 -2.38 20.95 -12.53
CA ILE C 259 -3.40 20.26 -13.31
C ILE C 259 -3.24 20.50 -14.80
N LEU C 260 -3.05 21.76 -15.19
CA LEU C 260 -2.96 22.15 -16.58
C LEU C 260 -1.50 22.33 -17.00
N PRO C 261 -1.19 22.13 -18.27
CA PRO C 261 0.16 22.42 -18.75
C PRO C 261 0.46 23.90 -18.70
N GLU C 262 1.75 24.23 -18.82
CA GLU C 262 2.22 25.58 -18.51
C GLU C 262 1.60 26.62 -19.44
N TYR C 263 1.45 26.31 -20.73
CA TYR C 263 0.79 27.26 -21.62
C TYR C 263 -0.68 27.45 -21.24
N LEU C 264 -1.38 26.37 -20.92
CA LEU C 264 -2.75 26.49 -20.45
C LEU C 264 -2.81 27.20 -19.11
N SER C 265 -1.83 26.95 -18.23
CA SER C 265 -1.78 27.67 -16.96
C SER C 265 -1.64 29.16 -17.17
N ASN C 266 -0.75 29.57 -18.09
CA ASN C 266 -0.58 30.99 -18.38
C ASN C 266 -1.84 31.59 -18.98
N TRP C 267 -2.48 30.88 -19.90
CA TRP C 267 -3.73 31.38 -20.50
C TRP C 267 -4.81 31.57 -19.45
N THR C 268 -4.98 30.56 -18.58
CA THR C 268 -5.98 30.66 -17.52
C THR C 268 -5.64 31.77 -16.53
N MET C 269 -4.34 31.97 -16.28
CA MET C 269 -3.94 33.07 -15.40
C MET C 269 -4.30 34.42 -16.00
N GLU C 270 -4.11 34.57 -17.31
CA GLU C 270 -4.52 35.82 -17.97
C GLU C 270 -6.03 36.01 -17.90
N LYS C 271 -6.80 34.94 -18.09
CA LYS C 271 -8.25 35.06 -18.01
C LYS C 271 -8.69 35.43 -16.59
N VAL C 272 -8.06 34.84 -15.58
CA VAL C 272 -8.39 35.19 -14.20
C VAL C 272 -7.99 36.63 -13.91
N ARG C 273 -6.86 37.07 -14.46
CA ARG C 273 -6.43 38.45 -14.27
C ARG C 273 -7.42 39.42 -14.88
N ARG C 274 -7.96 39.10 -16.06
CA ARG C 274 -8.98 39.95 -16.66
C ARG C 274 -10.35 39.73 -16.06
N GLU C 275 -10.50 38.74 -15.18
CA GLU C 275 -11.72 38.60 -14.39
C GLU C 275 -11.83 39.66 -13.29
N GLY C 276 -10.78 40.43 -13.06
CA GLY C 276 -10.80 41.45 -12.03
C GLY C 276 -10.01 41.05 -10.80
N VAL C 277 -8.91 40.32 -11.01
CA VAL C 277 -8.08 39.82 -9.92
C VAL C 277 -6.63 40.21 -10.21
N LYS C 278 -5.95 40.74 -9.20
CA LYS C 278 -4.53 41.06 -9.31
C LYS C 278 -3.73 39.81 -8.96
N VAL C 279 -3.64 38.90 -9.94
CA VAL C 279 -2.93 37.65 -9.75
C VAL C 279 -1.45 37.92 -9.57
N MET C 280 -0.83 37.25 -8.59
CA MET C 280 0.58 37.43 -8.25
C MET C 280 1.25 36.07 -8.26
N PRO C 281 1.72 35.61 -9.43
CA PRO C 281 2.37 34.30 -9.50
C PRO C 281 3.79 34.34 -8.94
N ASN C 282 4.33 33.14 -8.73
CA ASN C 282 5.70 32.95 -8.22
C ASN C 282 5.89 33.64 -6.87
N ALA C 283 4.85 33.64 -6.04
CA ALA C 283 4.86 34.32 -4.74
C ALA C 283 4.87 33.27 -3.65
N ILE C 284 5.94 33.26 -2.84
CA ILE C 284 6.09 32.33 -1.73
C ILE C 284 6.00 33.13 -0.44
N VAL C 285 5.01 32.79 0.39
CA VAL C 285 4.77 33.52 1.64
C VAL C 285 5.82 33.13 2.67
N GLN C 286 6.46 34.14 3.27
CA GLN C 286 7.41 33.92 4.36
C GLN C 286 6.94 34.50 5.70
N SER C 287 6.26 35.65 5.68
CA SER C 287 5.80 36.27 6.92
C SER C 287 4.43 36.88 6.71
N VAL C 288 3.63 36.88 7.78
CA VAL C 288 2.35 37.57 7.84
C VAL C 288 2.31 38.35 9.15
N GLY C 289 2.01 39.64 9.06
CA GLY C 289 2.01 40.48 10.24
C GLY C 289 1.11 41.70 10.13
N VAL C 290 0.35 41.97 11.19
CA VAL C 290 -0.54 43.12 11.20
C VAL C 290 0.27 44.40 11.29
N SER C 291 0.06 45.31 10.34
CA SER C 291 0.73 46.60 10.32
C SER C 291 -0.30 47.68 10.01
N SER C 292 -0.32 48.72 10.85
CA SER C 292 -1.25 49.85 10.69
C SER C 292 -2.70 49.38 10.64
N GLY C 293 -3.01 48.35 11.43
CA GLY C 293 -4.36 47.84 11.47
C GLY C 293 -4.77 47.04 10.25
N LYS C 294 -3.82 46.55 9.46
CA LYS C 294 -4.11 45.77 8.27
C LYS C 294 -3.10 44.64 8.13
N LEU C 295 -3.53 43.55 7.52
CA LEU C 295 -2.64 42.44 7.26
C LEU C 295 -1.61 42.81 6.19
N LEU C 296 -0.39 42.29 6.36
CA LEU C 296 0.71 42.59 5.45
C LEU C 296 1.45 41.29 5.15
N ILE C 297 1.21 40.72 3.98
CA ILE C 297 1.91 39.51 3.55
C ILE C 297 3.25 39.91 2.93
N LYS C 298 4.33 39.35 3.46
CA LYS C 298 5.67 39.57 2.94
C LYS C 298 6.15 38.28 2.28
N LEU C 299 6.59 38.38 1.04
CA LEU C 299 7.01 37.23 0.26
C LEU C 299 8.53 37.16 0.21
N LYS C 300 9.04 35.95 -0.11
CA LYS C 300 10.48 35.74 -0.09
C LYS C 300 11.20 36.55 -1.16
N ASP C 301 10.55 36.80 -2.30
CA ASP C 301 11.19 37.60 -3.33
C ASP C 301 11.23 39.09 -2.99
N GLY C 302 10.61 39.50 -1.90
CA GLY C 302 10.68 40.88 -1.46
C GLY C 302 9.48 41.75 -1.79
N ARG C 303 8.34 41.16 -2.16
CA ARG C 303 7.13 41.91 -2.43
C ARG C 303 6.21 41.86 -1.21
N LYS C 304 5.74 43.03 -0.79
CA LYS C 304 4.76 43.14 0.29
C LYS C 304 3.37 43.36 -0.27
N VAL C 305 2.38 42.75 0.37
CA VAL C 305 0.98 42.84 -0.04
C VAL C 305 0.17 43.27 1.17
N GLU C 306 -0.40 44.48 1.11
CA GLU C 306 -1.26 45.00 2.16
C GLU C 306 -2.70 44.62 1.86
N THR C 307 -3.36 43.96 2.80
CA THR C 307 -4.74 43.54 2.63
C THR C 307 -5.47 43.63 3.97
N ASP C 308 -6.80 43.52 3.91
CA ASP C 308 -7.62 43.55 5.11
C ASP C 308 -8.06 42.17 5.57
N HIS C 309 -8.03 41.18 4.68
CA HIS C 309 -8.40 39.82 5.03
C HIS C 309 -7.58 38.86 4.18
N ILE C 310 -7.37 37.65 4.71
CA ILE C 310 -6.62 36.62 4.01
C ILE C 310 -7.46 35.36 3.96
N VAL C 311 -7.60 34.79 2.76
CA VAL C 311 -8.21 33.48 2.57
C VAL C 311 -7.10 32.51 2.18
N ALA C 312 -7.01 31.39 2.91
CA ALA C 312 -5.96 30.41 2.69
C ALA C 312 -6.57 29.16 2.09
N ALA C 313 -6.22 28.89 0.82
CA ALA C 313 -6.60 27.66 0.14
C ALA C 313 -5.28 27.03 -0.33
N VAL C 314 -4.65 26.27 0.57
CA VAL C 314 -3.30 25.76 0.32
C VAL C 314 -3.29 24.24 0.39
N GLY C 315 -4.40 23.62 0.02
CA GLY C 315 -4.49 22.18 -0.03
C GLY C 315 -5.45 21.64 1.03
N LEU C 316 -5.56 20.32 1.05
CA LEU C 316 -6.44 19.61 1.96
C LEU C 316 -5.67 18.53 2.69
N GLU C 317 -5.81 18.49 4.01
CA GLU C 317 -5.23 17.43 4.82
C GLU C 317 -6.28 16.40 5.13
N PRO C 318 -6.15 15.15 4.68
CA PRO C 318 -7.16 14.14 4.98
C PRO C 318 -7.25 13.87 6.48
N ASN C 319 -8.47 13.64 6.94
CA ASN C 319 -8.74 13.39 8.36
C ASN C 319 -8.46 11.92 8.65
N VAL C 320 -7.28 11.64 9.20
CA VAL C 320 -6.85 10.26 9.44
C VAL C 320 -6.60 10.04 10.93
N GLU C 321 -7.36 10.74 11.77
CA GLU C 321 -7.19 10.61 13.21
C GLU C 321 -7.70 9.28 13.73
N LEU C 322 -8.70 8.70 13.06
CA LEU C 322 -9.25 7.42 13.50
C LEU C 322 -8.30 6.27 13.24
N ALA C 323 -7.32 6.44 12.35
CA ALA C 323 -6.40 5.36 12.02
C ALA C 323 -5.56 4.94 13.23
N LYS C 324 -5.06 5.92 13.99
CA LYS C 324 -4.15 5.61 15.08
C LYS C 324 -4.82 4.74 16.14
N THR C 325 -6.05 5.07 16.52
CA THR C 325 -6.76 4.28 17.52
C THR C 325 -7.41 3.03 16.93
N GLY C 326 -7.59 2.98 15.61
CA GLY C 326 -8.17 1.83 14.96
C GLY C 326 -7.20 0.89 14.29
N GLY C 327 -5.90 1.20 14.32
CA GLY C 327 -4.92 0.34 13.67
C GLY C 327 -5.12 0.22 12.17
N LEU C 328 -5.44 1.32 11.51
CA LEU C 328 -5.64 1.34 10.06
C LEU C 328 -4.42 1.92 9.38
N GLU C 329 -4.05 1.33 8.24
CA GLU C 329 -2.88 1.77 7.51
C GLU C 329 -3.14 3.10 6.80
N ILE C 330 -2.14 3.97 6.82
CA ILE C 330 -2.19 5.25 6.14
C ILE C 330 -1.19 5.22 4.98
N ASP C 331 -1.66 5.52 3.79
CA ASP C 331 -0.79 5.53 2.62
C ASP C 331 0.31 6.57 2.80
N SER C 332 1.55 6.18 2.49
CA SER C 332 2.70 7.01 2.76
C SER C 332 3.07 7.93 1.59
N ASP C 333 2.41 7.79 0.44
CA ASP C 333 2.73 8.61 -0.73
C ASP C 333 1.54 9.32 -1.34
N PHE C 334 0.31 9.04 -0.88
CA PHE C 334 -0.85 9.83 -1.27
C PHE C 334 -1.65 10.37 -0.09
N GLY C 335 -1.42 9.87 1.12
CA GLY C 335 -2.20 10.27 2.27
C GLY C 335 -3.52 9.52 2.35
N GLY C 336 -4.19 9.70 3.48
CA GLY C 336 -5.48 9.08 3.68
C GLY C 336 -5.38 7.60 4.01
N PHE C 337 -6.55 7.00 4.22
CA PHE C 337 -6.59 5.58 4.54
C PHE C 337 -6.29 4.75 3.29
N ARG C 338 -5.37 3.81 3.43
CA ARG C 338 -5.03 2.91 2.32
C ARG C 338 -6.10 1.84 2.21
N VAL C 339 -6.74 1.76 1.05
CA VAL C 339 -7.76 0.76 0.77
C VAL C 339 -7.41 0.05 -0.53
N ASN C 340 -8.10 -1.05 -0.79
CA ASN C 340 -7.87 -1.85 -1.99
C ASN C 340 -8.74 -1.33 -3.13
N ALA C 341 -8.84 -2.10 -4.21
CA ALA C 341 -9.63 -1.69 -5.36
C ALA C 341 -11.10 -1.53 -5.02
N GLU C 342 -11.57 -2.23 -4.00
CA GLU C 342 -12.96 -2.18 -3.58
C GLU C 342 -13.21 -1.20 -2.44
N LEU C 343 -12.28 -0.27 -2.21
CA LEU C 343 -12.39 0.73 -1.15
C LEU C 343 -12.50 0.09 0.23
N GLN C 344 -11.93 -1.09 0.39
CA GLN C 344 -12.03 -1.84 1.64
C GLN C 344 -10.72 -1.73 2.42
N ALA C 345 -10.83 -1.39 3.71
CA ALA C 345 -9.68 -1.25 4.59
C ALA C 345 -9.47 -2.47 5.47
N ARG C 346 -10.54 -2.98 6.08
CA ARG C 346 -10.49 -4.17 6.92
C ARG C 346 -11.74 -5.00 6.62
N SER C 347 -12.02 -5.96 7.48
CA SER C 347 -13.13 -6.89 7.22
C SER C 347 -14.45 -6.17 7.09
N ASN C 348 -14.70 -5.17 7.95
CA ASN C 348 -15.98 -4.48 7.98
C ASN C 348 -15.81 -2.97 7.97
N ILE C 349 -14.71 -2.48 7.39
CA ILE C 349 -14.44 -1.04 7.33
C ILE C 349 -14.10 -0.67 5.90
N TRP C 350 -14.83 0.29 5.34
CA TRP C 350 -14.54 0.87 4.04
C TRP C 350 -14.23 2.36 4.21
N VAL C 351 -13.53 2.91 3.22
CA VAL C 351 -13.17 4.32 3.19
C VAL C 351 -13.54 4.89 1.83
N ALA C 352 -14.16 6.06 1.83
CA ALA C 352 -14.57 6.73 0.61
C ALA C 352 -14.30 8.22 0.72
N GLY C 353 -14.19 8.88 -0.44
CA GLY C 353 -14.02 10.32 -0.48
C GLY C 353 -12.58 10.78 -0.54
N ASP C 354 -12.31 11.99 -0.06
CA ASP C 354 -10.96 12.53 -0.10
C ASP C 354 -10.00 11.79 0.83
N ALA C 355 -10.51 11.06 1.81
CA ALA C 355 -9.67 10.33 2.75
C ALA C 355 -9.30 8.93 2.25
N ALA C 356 -9.86 8.49 1.12
CA ALA C 356 -9.65 7.14 0.62
C ALA C 356 -8.55 7.15 -0.44
N CYS C 357 -7.41 6.54 -0.11
CA CYS C 357 -6.36 6.29 -1.09
C CYS C 357 -6.59 4.88 -1.62
N PHE C 358 -7.14 4.79 -2.82
CA PHE C 358 -7.61 3.53 -3.39
C PHE C 358 -6.70 3.08 -4.53
N TYR C 359 -6.98 1.88 -5.04
CA TYR C 359 -6.26 1.29 -6.15
C TYR C 359 -7.19 1.17 -7.34
N ASP C 360 -6.88 1.89 -8.41
CA ASP C 360 -7.56 1.70 -9.69
C ASP C 360 -6.76 0.73 -10.53
N ILE C 361 -7.42 -0.29 -11.05
CA ILE C 361 -6.71 -1.30 -11.85
C ILE C 361 -6.11 -0.67 -13.09
N LYS C 362 -6.86 0.23 -13.74
CA LYS C 362 -6.38 0.83 -14.98
C LYS C 362 -5.28 1.85 -14.75
N LEU C 363 -5.40 2.68 -13.72
CA LEU C 363 -4.53 3.83 -13.54
C LEU C 363 -3.62 3.76 -12.32
N GLY C 364 -3.78 2.76 -11.47
CA GLY C 364 -2.92 2.62 -10.30
C GLY C 364 -3.54 3.14 -9.03
N ARG C 365 -2.68 3.40 -8.05
CA ARG C 365 -3.13 3.88 -6.76
C ARG C 365 -3.37 5.39 -6.82
N ARG C 366 -4.55 5.82 -6.36
CA ARG C 366 -4.97 7.20 -6.49
C ARG C 366 -5.65 7.68 -5.21
N ARG C 367 -5.66 8.99 -5.02
CA ARG C 367 -6.54 9.64 -4.06
C ARG C 367 -7.06 10.91 -4.72
N VAL C 368 -8.38 11.00 -4.88
CA VAL C 368 -9.01 12.07 -5.65
C VAL C 368 -9.89 12.88 -4.69
N GLU C 369 -9.59 14.18 -4.57
CA GLU C 369 -10.38 15.09 -3.75
C GLU C 369 -11.26 15.93 -4.67
N HIS C 370 -12.39 15.35 -5.08
CA HIS C 370 -13.32 16.04 -5.96
C HIS C 370 -14.74 15.57 -5.66
N HIS C 371 -15.70 16.43 -5.98
CA HIS C 371 -17.10 16.16 -5.62
C HIS C 371 -17.63 14.92 -6.33
N ASP C 372 -17.40 14.81 -7.65
CA ASP C 372 -17.89 13.66 -8.37
C ASP C 372 -17.18 12.39 -7.94
N HIS C 373 -15.89 12.49 -7.65
CA HIS C 373 -15.19 11.33 -7.07
C HIS C 373 -15.77 10.96 -5.73
N ALA C 374 -16.11 11.95 -4.91
CA ALA C 374 -16.74 11.65 -3.62
C ALA C 374 -18.05 10.91 -3.83
N VAL C 375 -18.85 11.35 -4.81
CA VAL C 375 -20.13 10.69 -5.09
C VAL C 375 -19.91 9.25 -5.53
N VAL C 376 -19.03 9.05 -6.51
CA VAL C 376 -18.86 7.70 -7.08
C VAL C 376 -18.19 6.77 -6.07
N SER C 377 -17.23 7.29 -5.29
CA SER C 377 -16.58 6.46 -4.29
C SER C 377 -17.53 6.12 -3.15
N GLY C 378 -18.38 7.06 -2.75
CA GLY C 378 -19.40 6.74 -1.75
C GLY C 378 -20.37 5.69 -2.24
N ARG C 379 -20.82 5.82 -3.50
CA ARG C 379 -21.71 4.81 -4.06
C ARG C 379 -21.04 3.45 -4.11
N LEU C 380 -19.77 3.41 -4.54
CA LEU C 380 -19.04 2.16 -4.62
C LEU C 380 -18.86 1.55 -3.23
N ALA C 381 -18.51 2.38 -2.24
CA ALA C 381 -18.30 1.89 -0.89
C ALA C 381 -19.59 1.36 -0.28
N GLY C 382 -20.72 2.02 -0.52
CA GLY C 382 -21.98 1.49 -0.04
C GLY C 382 -22.36 0.19 -0.72
N GLU C 383 -22.11 0.10 -2.03
CA GLU C 383 -22.38 -1.13 -2.76
C GLU C 383 -21.54 -2.29 -2.22
N ASN C 384 -20.26 -2.04 -1.95
CA ASN C 384 -19.41 -3.07 -1.37
C ASN C 384 -19.81 -3.38 0.07
N MET C 385 -20.30 -2.38 0.81
CA MET C 385 -20.78 -2.61 2.17
C MET C 385 -21.98 -3.54 2.18
N THR C 386 -22.81 -3.47 1.15
CA THR C 386 -23.98 -4.34 1.03
C THR C 386 -23.68 -5.61 0.22
N GLY C 387 -22.45 -6.11 0.30
CA GLY C 387 -22.10 -7.38 -0.30
C GLY C 387 -22.11 -7.42 -1.82
N ALA C 388 -21.62 -6.37 -2.48
CA ALA C 388 -21.48 -6.34 -3.93
C ALA C 388 -20.02 -5.95 -4.21
N ALA C 389 -19.15 -6.95 -4.24
CA ALA C 389 -17.72 -6.72 -4.40
C ALA C 389 -17.43 -6.30 -5.83
N LYS C 390 -17.14 -5.01 -6.02
CA LYS C 390 -16.78 -4.52 -7.33
C LYS C 390 -15.75 -3.42 -7.17
N PRO C 391 -14.68 -3.44 -7.97
CA PRO C 391 -13.61 -2.46 -7.82
C PRO C 391 -13.97 -1.13 -8.48
N TYR C 392 -13.07 -0.18 -8.37
CA TYR C 392 -13.23 1.12 -9.01
C TYR C 392 -13.10 0.95 -10.52
N TRP C 393 -14.23 1.03 -11.22
CA TRP C 393 -14.25 0.91 -12.67
C TRP C 393 -14.69 2.19 -13.37
N HIS C 394 -15.84 2.74 -12.97
CA HIS C 394 -16.33 3.98 -13.54
C HIS C 394 -15.42 5.13 -13.13
N GLN C 395 -14.68 5.68 -14.08
CA GLN C 395 -13.80 6.79 -13.80
C GLN C 395 -14.60 8.03 -13.43
N SER C 396 -14.12 8.77 -12.44
CA SER C 396 -14.76 10.01 -12.01
C SER C 396 -14.12 11.20 -12.71
N MET C 397 -14.94 12.22 -12.96
CA MET C 397 -14.51 13.44 -13.60
C MET C 397 -14.62 14.61 -12.63
N PHE C 398 -14.01 15.73 -13.01
CA PHE C 398 -14.21 16.98 -12.29
C PHE C 398 -14.25 18.13 -13.29
N TRP C 399 -14.77 19.26 -12.84
CA TRP C 399 -15.00 20.42 -13.69
C TRP C 399 -14.56 21.67 -12.96
N SER C 400 -14.39 22.75 -13.72
CA SER C 400 -14.03 24.04 -13.15
C SER C 400 -14.40 25.14 -14.13
N ASP C 401 -14.98 26.21 -13.62
CA ASP C 401 -15.38 27.37 -14.42
C ASP C 401 -14.70 28.60 -13.83
N LEU C 402 -13.56 28.98 -14.39
CA LEU C 402 -12.81 30.15 -13.94
C LEU C 402 -13.16 31.35 -14.80
N GLY C 403 -14.41 31.80 -14.66
CA GLY C 403 -14.90 32.93 -15.40
C GLY C 403 -15.68 32.51 -16.63
N PRO C 404 -16.21 33.50 -17.37
CA PRO C 404 -17.01 33.17 -18.56
C PRO C 404 -16.23 32.42 -19.63
N ASP C 405 -14.94 32.69 -19.79
CA ASP C 405 -14.16 32.16 -20.90
C ASP C 405 -13.30 30.96 -20.53
N VAL C 406 -13.34 30.51 -19.28
CA VAL C 406 -12.61 29.32 -18.85
C VAL C 406 -13.61 28.36 -18.21
N GLY C 407 -13.93 27.30 -18.93
CA GLY C 407 -14.74 26.23 -18.39
C GLY C 407 -14.29 24.90 -18.97
N TYR C 408 -13.90 23.97 -18.12
CA TYR C 408 -13.29 22.74 -18.62
C TYR C 408 -13.70 21.56 -17.75
N GLU C 409 -13.56 20.37 -18.32
CA GLU C 409 -13.78 19.11 -17.64
C GLU C 409 -12.52 18.26 -17.76
N ALA C 410 -12.40 17.28 -16.87
CA ALA C 410 -11.21 16.43 -16.85
C ALA C 410 -11.59 15.07 -16.30
N ILE C 411 -10.92 14.03 -16.79
CA ILE C 411 -11.18 12.66 -16.38
C ILE C 411 -9.87 11.89 -16.37
N GLY C 412 -9.74 10.98 -15.40
CA GLY C 412 -8.55 10.17 -15.29
C GLY C 412 -7.39 10.91 -14.66
N LEU C 413 -6.18 10.41 -14.93
CA LEU C 413 -4.97 11.00 -14.40
C LEU C 413 -4.66 12.32 -15.09
N VAL C 414 -5.10 13.43 -14.51
CA VAL C 414 -4.82 14.76 -15.01
C VAL C 414 -3.79 15.37 -14.08
N ASP C 415 -2.52 15.29 -14.46
CA ASP C 415 -1.43 15.84 -13.69
C ASP C 415 -0.45 16.51 -14.64
N SER C 416 -0.03 17.72 -14.28
CA SER C 416 0.80 18.52 -15.18
C SER C 416 2.16 17.87 -15.43
N SER C 417 2.65 17.03 -14.51
CA SER C 417 3.95 16.39 -14.70
C SER C 417 3.92 15.34 -15.80
N LEU C 418 2.74 14.82 -16.13
CA LEU C 418 2.64 13.84 -17.21
C LEU C 418 2.87 14.52 -18.56
N PRO C 419 3.41 13.79 -19.53
CA PRO C 419 3.48 14.33 -20.90
C PRO C 419 2.10 14.64 -21.43
N THR C 420 1.99 15.78 -22.13
CA THR C 420 0.71 16.28 -22.58
C THR C 420 0.78 16.59 -24.08
N VAL C 421 -0.34 16.34 -24.76
CA VAL C 421 -0.52 16.72 -26.15
C VAL C 421 -1.87 17.42 -26.27
N GLY C 422 -1.86 18.68 -26.71
CA GLY C 422 -3.05 19.48 -26.82
C GLY C 422 -3.37 19.78 -28.29
N VAL C 423 -4.63 19.58 -28.65
CA VAL C 423 -5.13 19.86 -29.99
C VAL C 423 -6.20 20.94 -29.85
N PHE C 424 -5.98 22.06 -30.52
CA PHE C 424 -6.80 23.25 -30.34
C PHE C 424 -7.36 23.72 -31.68
N ALA C 425 -8.55 24.33 -31.62
CA ALA C 425 -9.23 24.80 -32.82
C ALA C 425 -8.50 26.00 -33.42
N LYS C 426 -8.37 25.99 -34.74
CA LYS C 426 -7.78 27.09 -35.51
C LYS C 426 -6.41 27.50 -34.97
N GLU C 474 -2.05 32.70 -30.15
CA GLU C 474 -2.12 31.72 -29.07
C GLU C 474 -3.47 31.76 -28.38
N ASP C 475 -4.53 31.49 -29.12
CA ASP C 475 -5.89 31.47 -28.60
C ASP C 475 -6.24 30.03 -28.24
N TYR C 476 -6.05 29.67 -26.99
CA TYR C 476 -6.44 28.34 -26.50
C TYR C 476 -7.90 28.33 -26.07
N GLY C 477 -8.77 28.79 -26.97
CA GLY C 477 -10.18 28.87 -26.67
C GLY C 477 -10.84 27.52 -26.53
N LYS C 478 -10.82 26.74 -27.60
CA LYS C 478 -11.40 25.40 -27.62
C LYS C 478 -10.32 24.38 -27.95
N GLY C 479 -10.44 23.20 -27.35
CA GLY C 479 -9.50 22.14 -27.64
C GLY C 479 -9.68 20.96 -26.71
N VAL C 480 -8.76 20.01 -26.84
CA VAL C 480 -8.72 18.82 -26.00
C VAL C 480 -7.26 18.50 -25.70
N ILE C 481 -7.01 18.09 -24.45
CA ILE C 481 -5.66 17.82 -23.98
C ILE C 481 -5.60 16.37 -23.51
N PHE C 482 -4.58 15.65 -23.98
CA PHE C 482 -4.39 14.24 -23.64
C PHE C 482 -3.19 14.09 -22.73
N TYR C 483 -3.35 13.29 -21.68
CA TYR C 483 -2.28 12.97 -20.75
C TYR C 483 -1.86 11.52 -20.98
N LEU C 484 -0.56 11.31 -21.14
CA LEU C 484 -0.01 10.01 -21.55
C LEU C 484 1.01 9.54 -20.53
N ARG C 485 1.00 8.23 -20.25
CA ARG C 485 2.04 7.65 -19.41
C ARG C 485 3.24 7.21 -20.24
N ASP C 486 3.02 6.28 -21.18
CA ASP C 486 4.01 5.95 -22.19
C ASP C 486 3.52 6.32 -23.59
N LYS C 487 2.44 5.70 -24.04
CA LYS C 487 1.70 6.18 -25.20
C LYS C 487 0.20 6.06 -25.00
N VAL C 488 -0.27 5.52 -23.88
CA VAL C 488 -1.68 5.31 -23.61
C VAL C 488 -2.24 6.58 -22.97
N VAL C 489 -3.48 6.92 -23.33
CA VAL C 489 -4.14 8.09 -22.77
C VAL C 489 -4.70 7.73 -21.40
N VAL C 490 -4.20 8.38 -20.35
CA VAL C 490 -4.66 8.12 -18.99
C VAL C 490 -5.54 9.26 -18.51
N GLY C 491 -5.34 10.45 -19.06
CA GLY C 491 -6.13 11.60 -18.67
C GLY C 491 -6.45 12.53 -19.83
N ILE C 492 -7.66 13.09 -19.82
CA ILE C 492 -8.12 13.99 -20.88
C ILE C 492 -8.75 15.21 -20.24
N VAL C 493 -8.37 16.39 -20.71
CA VAL C 493 -8.99 17.65 -20.30
C VAL C 493 -9.78 18.19 -21.48
N LEU C 494 -11.09 18.28 -21.32
CA LEU C 494 -11.98 18.86 -22.33
C LEU C 494 -12.03 20.36 -22.11
N TRP C 495 -11.38 21.11 -23.00
CA TRP C 495 -11.21 22.56 -22.84
C TRP C 495 -12.30 23.28 -23.61
N ASN C 496 -13.24 23.87 -22.87
CA ASN C 496 -14.32 24.68 -23.45
C ASN C 496 -15.13 23.92 -24.49
N ILE C 497 -15.16 22.60 -24.39
CA ILE C 497 -16.01 21.75 -25.21
C ILE C 497 -16.87 20.92 -24.26
N PHE C 498 -18.15 20.82 -24.57
CA PHE C 498 -19.12 20.24 -23.68
C PHE C 498 -19.85 19.09 -24.35
N ASN C 499 -20.39 18.19 -23.53
CA ASN C 499 -21.03 16.95 -23.98
C ASN C 499 -20.04 16.08 -24.76
N ARG C 500 -18.76 16.14 -24.40
CA ARG C 500 -17.73 15.32 -25.00
C ARG C 500 -17.22 14.25 -24.05
N MET C 501 -17.76 14.16 -22.85
CA MET C 501 -17.27 13.25 -21.82
C MET C 501 -17.38 11.77 -22.21
N PRO C 502 -18.45 11.32 -22.88
CA PRO C 502 -18.48 9.92 -23.31
C PRO C 502 -17.29 9.52 -24.18
N ILE C 503 -16.87 10.41 -25.08
CA ILE C 503 -15.75 10.09 -25.97
C ILE C 503 -14.46 9.95 -25.18
N ALA C 504 -14.18 10.88 -24.28
CA ALA C 504 -12.97 10.80 -23.46
C ALA C 504 -13.01 9.59 -22.55
N ARG C 505 -14.18 9.29 -21.99
CA ARG C 505 -14.34 8.12 -21.13
C ARG C 505 -14.07 6.83 -21.90
N LYS C 506 -14.57 6.73 -23.12
CA LYS C 506 -14.30 5.56 -23.95
C LYS C 506 -12.81 5.48 -24.29
N ILE C 507 -12.19 6.61 -24.59
CA ILE C 507 -10.77 6.62 -24.94
C ILE C 507 -9.93 6.12 -23.77
N ILE C 508 -10.23 6.61 -22.56
CA ILE C 508 -9.45 6.19 -21.39
C ILE C 508 -9.76 4.73 -21.04
N LYS C 509 -11.01 4.29 -21.23
CA LYS C 509 -11.39 2.94 -20.81
C LYS C 509 -10.58 1.88 -21.54
N ASP C 510 -10.39 2.03 -22.85
CA ASP C 510 -9.64 1.07 -23.65
C ASP C 510 -8.28 1.67 -24.00
N GLY C 511 -7.25 1.26 -23.27
CA GLY C 511 -5.90 1.68 -23.58
C GLY C 511 -5.44 1.12 -24.91
N GLU C 512 -5.37 1.97 -25.93
CA GLU C 512 -5.09 1.54 -27.29
C GLU C 512 -3.67 1.87 -27.74
N GLN C 513 -2.89 2.56 -26.91
CA GLN C 513 -1.53 2.98 -27.26
C GLN C 513 -1.54 3.77 -28.58
N HIS C 514 -2.20 4.91 -28.54
CA HIS C 514 -2.36 5.73 -29.72
C HIS C 514 -1.02 6.30 -30.17
N GLU C 515 -0.70 6.09 -31.45
CA GLU C 515 0.55 6.62 -32.01
C GLU C 515 0.37 8.07 -32.45
N ASP C 516 -0.61 8.33 -33.32
CA ASP C 516 -0.97 9.67 -33.73
C ASP C 516 -2.18 10.14 -32.93
N LEU C 517 -2.12 11.38 -32.46
CA LEU C 517 -3.15 11.93 -31.58
C LEU C 517 -4.05 12.95 -32.27
N ASN C 518 -3.80 13.28 -33.53
CA ASN C 518 -4.74 14.11 -34.27
C ASN C 518 -6.03 13.34 -34.56
N GLU C 519 -5.91 12.07 -34.94
CA GLU C 519 -7.09 11.27 -35.26
C GLU C 519 -7.97 11.07 -34.03
N VAL C 520 -7.36 10.79 -32.88
CA VAL C 520 -8.16 10.61 -31.66
C VAL C 520 -8.80 11.94 -31.27
N ALA C 521 -8.13 13.06 -31.52
CA ALA C 521 -8.75 14.36 -31.31
C ALA C 521 -9.87 14.62 -32.30
N LYS C 522 -9.87 13.92 -33.44
CA LYS C 522 -10.91 14.15 -34.43
C LYS C 522 -12.28 13.65 -33.96
N LEU C 523 -12.33 12.64 -33.08
CA LEU C 523 -13.62 12.22 -32.56
C LEU C 523 -14.27 13.30 -31.70
N PHE C 524 -13.47 14.19 -31.12
CA PHE C 524 -14.01 15.37 -30.48
C PHE C 524 -14.30 16.42 -31.54
N ASN C 525 -15.58 16.75 -31.72
CA ASN C 525 -15.99 17.76 -32.71
C ASN C 525 -15.62 19.13 -32.13
N ILE C 526 -14.33 19.45 -32.20
CA ILE C 526 -13.83 20.69 -31.62
C ILE C 526 -14.44 21.91 -32.31
N HIS C 527 -14.81 21.77 -33.57
CA HIS C 527 -15.38 22.88 -34.32
C HIS C 527 -16.91 22.77 -34.40
N PRO D 45 -12.98 -30.97 -10.39
CA PRO D 45 -12.00 -29.88 -10.48
C PRO D 45 -12.54 -28.66 -11.22
N SER D 46 -13.80 -28.72 -11.64
CA SER D 46 -14.41 -27.56 -12.29
C SER D 46 -14.68 -26.45 -11.29
N HIS D 47 -15.25 -26.79 -10.13
CA HIS D 47 -15.49 -25.85 -9.06
C HIS D 47 -15.00 -26.43 -7.75
N VAL D 48 -14.37 -25.58 -6.93
CA VAL D 48 -13.90 -25.98 -5.61
C VAL D 48 -14.23 -24.89 -4.61
N PRO D 49 -14.61 -25.23 -3.38
CA PRO D 49 -14.87 -24.18 -2.38
C PRO D 49 -13.62 -23.39 -2.00
N PHE D 50 -12.56 -24.10 -1.60
CA PHE D 50 -11.31 -23.48 -1.21
C PHE D 50 -10.24 -23.85 -2.22
N LEU D 51 -9.55 -22.85 -2.75
CA LEU D 51 -8.53 -23.06 -3.77
C LEU D 51 -7.23 -22.40 -3.32
N LEU D 52 -6.18 -23.19 -3.20
CA LEU D 52 -4.85 -22.70 -2.86
C LEU D 52 -3.98 -22.82 -4.10
N ILE D 53 -3.43 -21.70 -4.56
CA ILE D 53 -2.80 -21.64 -5.87
C ILE D 53 -1.33 -22.09 -5.84
N GLY D 54 -0.63 -21.93 -4.73
CA GLY D 54 0.75 -22.36 -4.69
C GLY D 54 1.02 -23.43 -3.65
N GLY D 55 1.32 -24.65 -4.10
CA GLY D 55 1.47 -25.76 -3.19
C GLY D 55 2.77 -25.78 -2.42
N GLY D 56 2.70 -25.44 -1.14
CA GLY D 56 3.89 -25.37 -0.32
C GLY D 56 3.54 -25.32 1.15
N THR D 57 4.43 -24.70 1.92
CA THR D 57 4.23 -24.62 3.36
C THR D 57 3.00 -23.80 3.71
N ALA D 58 2.87 -22.61 3.12
CA ALA D 58 1.72 -21.75 3.41
C ALA D 58 0.42 -22.41 2.98
N ALA D 59 0.41 -23.06 1.82
CA ALA D 59 -0.80 -23.73 1.36
C ALA D 59 -1.19 -24.88 2.28
N PHE D 60 -0.22 -25.69 2.71
CA PHE D 60 -0.54 -26.79 3.60
C PHE D 60 -1.04 -26.28 4.95
N ALA D 61 -0.41 -25.23 5.48
CA ALA D 61 -0.89 -24.66 6.74
C ALA D 61 -2.30 -24.12 6.60
N ALA D 62 -2.59 -23.45 5.49
CA ALA D 62 -3.94 -22.93 5.26
C ALA D 62 -4.95 -24.05 5.13
N ALA D 63 -4.59 -25.13 4.43
CA ALA D 63 -5.50 -26.27 4.29
C ALA D 63 -5.78 -26.91 5.64
N ARG D 64 -4.75 -27.07 6.47
CA ARG D 64 -4.95 -27.64 7.80
C ARG D 64 -5.83 -26.75 8.66
N SER D 65 -5.62 -25.43 8.60
CA SER D 65 -6.44 -24.50 9.37
C SER D 65 -7.90 -24.51 8.89
N ILE D 66 -8.09 -24.57 7.57
CA ILE D 66 -9.44 -24.61 7.01
C ILE D 66 -10.16 -25.88 7.45
N ARG D 67 -9.44 -27.02 7.42
CA ARG D 67 -10.05 -28.27 7.88
C ARG D 67 -10.34 -28.23 9.38
N ALA D 68 -9.48 -27.58 10.16
CA ALA D 68 -9.68 -27.50 11.60
C ALA D 68 -10.91 -26.67 11.94
N ARG D 69 -11.03 -25.48 11.34
CA ARG D 69 -12.17 -24.62 11.65
C ARG D 69 -13.46 -25.12 11.01
N ASP D 70 -13.37 -25.65 9.80
CA ASP D 70 -14.53 -26.08 9.02
C ASP D 70 -14.42 -27.56 8.72
N PRO D 71 -15.03 -28.43 9.54
CA PRO D 71 -15.11 -29.84 9.16
C PRO D 71 -15.88 -30.02 7.86
N GLY D 72 -15.43 -30.97 7.05
CA GLY D 72 -16.05 -31.21 5.77
C GLY D 72 -15.66 -30.24 4.67
N ALA D 73 -14.70 -29.35 4.93
CA ALA D 73 -14.28 -28.39 3.92
C ALA D 73 -13.55 -29.10 2.78
N ARG D 74 -13.79 -28.64 1.55
CA ARG D 74 -13.15 -29.18 0.37
C ARG D 74 -12.07 -28.20 -0.09
N VAL D 75 -10.81 -28.60 0.08
CA VAL D 75 -9.67 -27.76 -0.25
C VAL D 75 -8.90 -28.41 -1.38
N LEU D 76 -8.59 -27.63 -2.41
CA LEU D 76 -7.80 -28.10 -3.55
C LEU D 76 -6.54 -27.26 -3.65
N ILE D 77 -5.39 -27.93 -3.66
CA ILE D 77 -4.10 -27.28 -3.86
C ILE D 77 -3.66 -27.55 -5.30
N VAL D 78 -3.32 -26.50 -6.02
CA VAL D 78 -2.86 -26.61 -7.40
C VAL D 78 -1.37 -26.33 -7.39
N SER D 79 -0.55 -27.37 -7.46
CA SER D 79 0.90 -27.24 -7.42
C SER D 79 1.48 -27.48 -8.80
N GLU D 80 2.29 -26.54 -9.28
CA GLU D 80 2.98 -26.76 -10.54
C GLU D 80 4.06 -27.81 -10.42
N ASP D 81 4.64 -27.96 -9.23
CA ASP D 81 5.63 -29.00 -9.00
C ASP D 81 4.96 -30.36 -8.95
N PRO D 82 5.61 -31.42 -9.44
CA PRO D 82 5.00 -32.76 -9.37
C PRO D 82 5.01 -33.35 -7.96
N GLU D 83 5.75 -32.77 -7.03
CA GLU D 83 5.85 -33.29 -5.67
C GLU D 83 4.70 -32.79 -4.80
N LEU D 84 4.29 -33.63 -3.85
CA LEU D 84 3.32 -33.23 -2.85
C LEU D 84 3.95 -32.18 -1.93
N PRO D 85 3.13 -31.38 -1.25
CA PRO D 85 3.69 -30.35 -0.37
C PRO D 85 4.65 -30.92 0.66
N TYR D 86 5.78 -30.24 0.83
CA TYR D 86 6.84 -30.68 1.72
C TYR D 86 7.49 -29.46 2.34
N MET D 87 8.14 -29.68 3.48
CA MET D 87 8.86 -28.60 4.17
C MET D 87 10.29 -28.53 3.67
N ARG D 88 10.71 -27.32 3.33
CA ARG D 88 11.98 -26.99 2.68
C ARG D 88 13.21 -26.95 3.58
N PRO D 89 13.13 -26.53 4.84
CA PRO D 89 14.35 -26.39 5.68
C PRO D 89 15.19 -27.65 5.74
N PRO D 90 14.60 -28.86 5.79
CA PRO D 90 15.45 -30.06 5.77
C PRO D 90 16.34 -30.16 4.56
N LEU D 91 15.89 -29.70 3.39
CA LEU D 91 16.65 -29.81 2.15
C LEU D 91 18.01 -29.13 2.26
N SER D 92 18.12 -28.08 3.07
CA SER D 92 19.37 -27.36 3.22
C SER D 92 20.05 -27.61 4.56
N LYS D 93 19.34 -28.15 5.55
CA LYS D 93 19.97 -28.35 6.86
C LYS D 93 20.06 -29.81 7.27
N GLU D 94 18.97 -30.56 7.22
CA GLU D 94 18.89 -31.83 7.94
C GLU D 94 19.17 -33.03 7.05
N LEU D 95 18.71 -33.01 5.80
CA LEU D 95 18.95 -34.13 4.90
C LEU D 95 20.43 -34.30 4.58
N TRP D 96 21.23 -33.25 4.75
CA TRP D 96 22.65 -33.36 4.49
C TRP D 96 23.39 -34.08 5.62
N PHE D 97 22.96 -33.88 6.86
CA PHE D 97 23.63 -34.48 8.02
C PHE D 97 23.07 -35.84 8.38
N SER D 98 22.11 -36.35 7.62
CA SER D 98 21.54 -37.66 7.91
C SER D 98 22.57 -38.76 7.68
N ASP D 99 22.58 -39.74 8.59
CA ASP D 99 23.47 -40.89 8.47
C ASP D 99 22.73 -42.06 7.82
N ASP D 100 22.42 -41.88 6.55
CA ASP D 100 21.70 -42.88 5.78
C ASP D 100 22.06 -42.76 4.30
N PRO D 101 22.65 -43.80 3.71
CA PRO D 101 22.98 -43.73 2.28
C PRO D 101 21.77 -43.54 1.39
N ASN D 102 20.59 -44.01 1.79
CA ASN D 102 19.38 -43.87 1.01
C ASN D 102 18.62 -42.58 1.30
N VAL D 103 19.31 -41.55 1.82
CA VAL D 103 18.65 -40.29 2.12
C VAL D 103 18.12 -39.63 0.86
N THR D 104 18.71 -39.92 -0.30
CA THR D 104 18.19 -39.38 -1.56
C THR D 104 16.77 -39.89 -1.83
N LYS D 105 16.54 -41.18 -1.63
CA LYS D 105 15.27 -41.80 -1.96
C LYS D 105 14.27 -41.77 -0.82
N THR D 106 14.72 -42.05 0.40
CA THR D 106 13.82 -42.02 1.55
C THR D 106 13.36 -40.61 1.87
N LEU D 107 14.25 -39.62 1.74
CA LEU D 107 13.96 -38.24 2.10
C LEU D 107 13.49 -38.13 3.55
N ARG D 108 14.16 -38.84 4.44
CA ARG D 108 13.83 -38.87 5.85
C ARG D 108 14.97 -38.29 6.67
N PHE D 109 14.63 -37.74 7.82
CA PHE D 109 15.61 -37.09 8.68
C PHE D 109 15.16 -37.22 10.13
N LYS D 110 16.10 -37.04 11.04
CA LYS D 110 15.86 -37.17 12.47
C LYS D 110 15.64 -35.79 13.09
N GLN D 111 14.67 -35.70 13.99
CA GLN D 111 14.32 -34.45 14.65
C GLN D 111 15.17 -34.27 15.90
N TRP D 112 14.81 -33.30 16.74
CA TRP D 112 15.54 -33.05 17.97
C TRP D 112 15.47 -34.25 18.91
N ASN D 113 14.28 -34.84 19.06
CA ASN D 113 14.13 -35.99 19.95
C ASN D 113 14.73 -37.26 19.36
N GLY D 114 15.03 -37.27 18.07
CA GLY D 114 15.59 -38.44 17.42
C GLY D 114 14.61 -39.26 16.62
N LYS D 115 13.33 -38.91 16.62
CA LYS D 115 12.35 -39.63 15.82
C LYS D 115 12.53 -39.29 14.34
N GLU D 116 12.48 -40.31 13.49
CA GLU D 116 12.65 -40.11 12.06
C GLU D 116 11.37 -39.56 11.45
N ARG D 117 11.52 -38.66 10.49
CA ARG D 117 10.39 -37.97 9.90
C ARG D 117 10.69 -37.67 8.43
N SER D 118 9.66 -37.75 7.59
CA SER D 118 9.77 -37.43 6.18
C SER D 118 9.59 -35.94 5.96
N ILE D 119 10.24 -35.42 4.92
CA ILE D 119 10.13 -34.00 4.59
C ILE D 119 8.72 -33.65 4.11
N TYR D 120 7.98 -34.62 3.58
CA TYR D 120 6.59 -34.37 3.24
C TYR D 120 5.77 -34.07 4.48
N PHE D 121 4.88 -33.09 4.37
CA PHE D 121 4.06 -32.70 5.50
C PHE D 121 3.18 -33.86 5.96
N GLN D 122 2.58 -34.57 5.01
CA GLN D 122 1.76 -35.74 5.29
C GLN D 122 2.00 -36.77 4.20
N PRO D 123 1.77 -38.05 4.49
CA PRO D 123 1.90 -39.09 3.47
C PRO D 123 0.83 -38.93 2.40
N PRO D 124 1.03 -39.52 1.22
CA PRO D 124 0.02 -39.39 0.16
C PRO D 124 -1.35 -39.93 0.54
N SER D 125 -1.43 -40.81 1.54
CA SER D 125 -2.73 -41.32 1.98
C SER D 125 -3.59 -40.22 2.58
N PHE D 126 -2.97 -39.20 3.18
CA PHE D 126 -3.74 -38.08 3.71
C PHE D 126 -4.49 -37.34 2.61
N TYR D 127 -3.80 -37.04 1.52
CA TYR D 127 -4.41 -36.29 0.44
C TYR D 127 -5.42 -37.15 -0.32
N VAL D 128 -6.52 -36.53 -0.71
CA VAL D 128 -7.54 -37.18 -1.51
C VAL D 128 -7.28 -36.86 -2.98
N SER D 129 -7.78 -37.72 -3.87
CA SER D 129 -7.68 -37.46 -5.29
C SER D 129 -8.54 -36.26 -5.68
N ALA D 130 -8.01 -35.41 -6.56
CA ALA D 130 -8.76 -34.24 -7.00
C ALA D 130 -10.01 -34.63 -7.76
N GLN D 131 -10.01 -35.82 -8.38
CA GLN D 131 -11.20 -36.28 -9.09
C GLN D 131 -12.36 -36.54 -8.13
N ASP D 132 -12.08 -37.14 -6.99
CA ASP D 132 -13.10 -37.50 -6.01
C ASP D 132 -13.23 -36.47 -4.89
N LEU D 133 -12.56 -35.33 -5.01
CA LEU D 133 -12.65 -34.30 -3.98
C LEU D 133 -14.08 -33.80 -3.77
N PRO D 134 -14.87 -33.48 -4.80
CA PRO D 134 -16.25 -33.02 -4.55
C PRO D 134 -17.14 -34.09 -3.93
N HIS D 135 -16.79 -35.37 -4.03
CA HIS D 135 -17.64 -36.44 -3.53
C HIS D 135 -17.14 -37.09 -2.25
N ILE D 136 -15.90 -36.83 -1.84
CA ILE D 136 -15.36 -37.46 -0.65
C ILE D 136 -16.12 -37.00 0.58
N GLU D 137 -16.43 -37.95 1.47
CA GLU D 137 -17.21 -37.63 2.65
C GLU D 137 -16.39 -36.85 3.65
N ASN D 138 -17.03 -35.88 4.30
CA ASN D 138 -16.40 -35.01 5.30
C ASN D 138 -15.20 -34.27 4.72
N GLY D 139 -15.25 -33.94 3.43
CA GLY D 139 -14.25 -33.12 2.79
C GLY D 139 -12.88 -33.78 2.72
N GLY D 140 -11.89 -32.93 2.55
CA GLY D 140 -10.52 -33.39 2.46
C GLY D 140 -9.66 -32.36 1.75
N VAL D 141 -8.37 -32.68 1.65
CA VAL D 141 -7.39 -31.85 0.96
C VAL D 141 -6.87 -32.62 -0.23
N ALA D 142 -6.94 -32.01 -1.40
CA ALA D 142 -6.47 -32.60 -2.64
C ALA D 142 -5.40 -31.72 -3.27
N VAL D 143 -4.41 -32.35 -3.89
CA VAL D 143 -3.32 -31.64 -4.55
C VAL D 143 -3.35 -31.99 -6.03
N LEU D 144 -3.33 -30.97 -6.88
CA LEU D 144 -3.25 -31.13 -8.33
C LEU D 144 -1.81 -30.82 -8.73
N THR D 145 -0.97 -31.86 -8.75
CA THR D 145 0.44 -31.69 -9.06
C THR D 145 0.64 -31.54 -10.56
N GLY D 146 1.71 -30.84 -10.93
CA GLY D 146 2.03 -30.63 -12.33
C GLY D 146 1.02 -29.79 -13.08
N LYS D 147 0.46 -28.78 -12.42
CA LYS D 147 -0.50 -27.88 -13.03
C LYS D 147 -0.23 -26.47 -12.54
N LYS D 148 0.02 -25.55 -13.46
CA LYS D 148 0.35 -24.17 -13.14
C LYS D 148 -0.85 -23.28 -13.47
N VAL D 149 -1.22 -22.42 -12.53
CA VAL D 149 -2.26 -21.42 -12.76
C VAL D 149 -1.61 -20.27 -13.51
N VAL D 150 -2.03 -20.06 -14.76
CA VAL D 150 -1.41 -19.05 -15.61
C VAL D 150 -2.30 -17.82 -15.70
N GLN D 151 -3.61 -18.02 -15.68
CA GLN D 151 -4.58 -16.94 -15.77
C GLN D 151 -5.39 -16.87 -14.48
N LEU D 152 -5.48 -15.68 -13.91
CA LEU D 152 -6.28 -15.43 -12.71
C LEU D 152 -7.30 -14.35 -13.05
N ASP D 153 -8.57 -14.67 -12.87
CA ASP D 153 -9.65 -13.73 -13.14
C ASP D 153 -10.32 -13.44 -11.80
N VAL D 154 -9.99 -12.28 -11.22
CA VAL D 154 -10.57 -11.91 -9.93
C VAL D 154 -12.07 -11.71 -10.03
N ARG D 155 -12.54 -11.19 -11.17
CA ARG D 155 -13.94 -10.82 -11.27
C ARG D 155 -14.89 -11.97 -11.55
N ASP D 156 -14.40 -13.15 -11.95
CA ASP D 156 -15.29 -14.29 -12.14
C ASP D 156 -14.93 -15.45 -11.23
N ASN D 157 -14.10 -15.21 -10.21
CA ASN D 157 -13.64 -16.24 -9.28
C ASN D 157 -13.12 -17.45 -10.04
N MET D 158 -12.30 -17.21 -11.07
CA MET D 158 -11.87 -18.26 -11.97
C MET D 158 -10.36 -18.24 -12.11
N VAL D 159 -9.78 -19.42 -12.33
CA VAL D 159 -8.37 -19.58 -12.63
C VAL D 159 -8.25 -20.55 -13.79
N LYS D 160 -7.34 -20.25 -14.72
CA LYS D 160 -7.09 -21.09 -15.88
C LYS D 160 -5.71 -21.72 -15.76
N LEU D 161 -5.64 -23.04 -15.94
CA LEU D 161 -4.38 -23.75 -15.83
C LEU D 161 -3.60 -23.66 -17.14
N ASN D 162 -2.33 -24.07 -17.07
CA ASN D 162 -1.49 -24.08 -18.26
C ASN D 162 -1.99 -25.05 -19.32
N ASP D 163 -2.75 -26.07 -18.92
CA ASP D 163 -3.32 -27.02 -19.86
C ASP D 163 -4.63 -26.54 -20.47
N GLY D 164 -5.12 -25.38 -20.07
CA GLY D 164 -6.32 -24.80 -20.62
C GLY D 164 -7.58 -25.01 -19.80
N SER D 165 -7.55 -25.90 -18.82
CA SER D 165 -8.71 -26.13 -17.97
C SER D 165 -8.91 -24.95 -17.01
N GLN D 166 -10.15 -24.76 -16.59
CA GLN D 166 -10.54 -23.64 -15.75
C GLN D 166 -11.21 -24.13 -14.47
N ILE D 167 -10.84 -23.51 -13.35
CA ILE D 167 -11.38 -23.86 -12.04
C ILE D 167 -12.03 -22.64 -11.43
N THR D 168 -13.27 -22.80 -10.97
CA THR D 168 -13.99 -21.74 -10.28
C THR D 168 -13.92 -21.98 -8.78
N TYR D 169 -13.74 -20.90 -8.02
CA TYR D 169 -13.57 -20.99 -6.57
C TYR D 169 -14.56 -20.09 -5.86
N GLU D 170 -14.67 -20.28 -4.55
CA GLU D 170 -15.38 -19.38 -3.65
C GLU D 170 -14.43 -18.53 -2.82
N LYS D 171 -13.51 -19.17 -2.12
CA LYS D 171 -12.41 -18.51 -1.42
C LYS D 171 -11.10 -19.00 -2.02
N CYS D 172 -10.20 -18.08 -2.33
CA CYS D 172 -8.94 -18.41 -2.98
C CYS D 172 -7.78 -17.84 -2.20
N LEU D 173 -6.76 -18.67 -1.98
CA LEU D 173 -5.51 -18.23 -1.39
C LEU D 173 -4.41 -18.30 -2.44
N ILE D 174 -3.71 -17.18 -2.64
CA ILE D 174 -2.53 -17.16 -3.51
C ILE D 174 -1.36 -17.54 -2.61
N ALA D 175 -1.10 -18.85 -2.54
CA ALA D 175 -0.03 -19.39 -1.72
C ALA D 175 1.23 -19.66 -2.52
N THR D 176 1.38 -19.02 -3.67
CA THR D 176 2.62 -19.11 -4.41
C THR D 176 3.75 -18.49 -3.61
N GLY D 177 4.93 -19.06 -3.74
CA GLY D 177 6.07 -18.55 -3.00
C GLY D 177 6.89 -17.61 -3.85
N GLY D 178 8.05 -18.09 -4.30
CA GLY D 178 8.89 -17.33 -5.19
C GLY D 178 9.79 -18.25 -5.97
N THR D 179 10.54 -17.67 -6.89
CA THR D 179 11.54 -18.41 -7.63
C THR D 179 12.92 -17.83 -7.34
N PRO D 180 13.94 -18.66 -7.21
CA PRO D 180 15.29 -18.14 -6.96
C PRO D 180 15.72 -17.20 -8.08
N ARG D 181 16.25 -16.05 -7.69
CA ARG D 181 16.73 -15.09 -8.68
C ARG D 181 17.97 -15.64 -9.37
N SER D 182 18.33 -15.00 -10.47
CA SER D 182 19.50 -15.39 -11.24
C SER D 182 20.47 -14.22 -11.34
N LEU D 183 21.75 -14.54 -11.43
CA LEU D 183 22.76 -13.52 -11.64
C LEU D 183 22.61 -12.93 -13.04
N SER D 184 22.94 -11.64 -13.16
CA SER D 184 23.03 -11.04 -14.48
C SER D 184 24.12 -11.69 -15.30
N ALA D 185 25.27 -11.98 -14.66
CA ALA D 185 26.37 -12.62 -15.36
C ALA D 185 26.01 -14.04 -15.79
N ILE D 186 25.29 -14.77 -14.95
CA ILE D 186 24.87 -16.12 -15.31
C ILE D 186 23.88 -16.06 -16.48
N ASP D 187 22.93 -15.12 -16.43
CA ASP D 187 21.93 -15.01 -17.49
C ASP D 187 22.55 -14.62 -18.81
N ARG D 188 23.51 -13.69 -18.80
CA ARG D 188 24.15 -13.26 -20.04
C ARG D 188 25.30 -14.18 -20.45
N ALA D 189 25.58 -15.22 -19.68
CA ALA D 189 26.62 -16.18 -20.05
C ALA D 189 26.09 -17.16 -21.09
N GLY D 190 26.92 -18.14 -21.45
CA GLY D 190 26.56 -19.11 -22.45
C GLY D 190 25.62 -20.17 -21.90
N ALA D 191 25.46 -21.24 -22.70
CA ALA D 191 24.60 -22.35 -22.31
C ALA D 191 25.32 -23.37 -21.44
N GLU D 192 26.64 -23.52 -21.60
CA GLU D 192 27.39 -24.43 -20.74
C GLU D 192 27.37 -23.96 -19.30
N VAL D 193 27.49 -22.65 -19.07
CA VAL D 193 27.48 -22.11 -17.72
C VAL D 193 26.12 -22.35 -17.07
N LYS D 194 25.04 -22.06 -17.80
CA LYS D 194 23.71 -22.29 -17.27
C LYS D 194 23.45 -23.78 -17.06
N SER D 195 24.12 -24.64 -17.82
CA SER D 195 24.03 -26.07 -17.59
C SER D 195 24.68 -26.46 -16.26
N ARG D 196 25.73 -25.73 -15.86
CA ARG D 196 26.46 -26.01 -14.63
C ARG D 196 26.12 -25.00 -13.52
N THR D 197 24.87 -24.54 -13.49
CA THR D 197 24.37 -23.64 -12.46
C THR D 197 23.03 -24.15 -11.97
N THR D 198 22.82 -24.11 -10.66
CA THR D 198 21.59 -24.60 -10.05
C THR D 198 20.97 -23.53 -9.17
N LEU D 199 19.65 -23.43 -9.22
CA LEU D 199 18.87 -22.55 -8.36
C LEU D 199 18.19 -23.43 -7.31
N PHE D 200 18.76 -23.46 -6.10
CA PHE D 200 18.34 -24.40 -5.07
C PHE D 200 17.02 -24.02 -4.43
N ARG D 201 15.92 -24.60 -4.92
CA ARG D 201 14.61 -24.35 -4.34
C ARG D 201 13.85 -25.60 -3.95
N LYS D 202 13.90 -26.65 -4.77
CA LYS D 202 13.02 -27.80 -4.60
C LYS D 202 13.82 -29.09 -4.41
N ILE D 203 13.08 -30.20 -4.31
CA ILE D 203 13.69 -31.50 -4.04
C ILE D 203 14.64 -31.90 -5.16
N GLY D 204 14.25 -31.67 -6.42
CA GLY D 204 15.12 -31.99 -7.52
C GLY D 204 16.45 -31.26 -7.45
N ASP D 205 16.42 -30.00 -7.04
CA ASP D 205 17.67 -29.26 -6.86
C ASP D 205 18.52 -29.88 -5.75
N PHE D 206 17.88 -30.34 -4.68
CA PHE D 206 18.63 -31.01 -3.61
C PHE D 206 19.32 -32.27 -4.12
N ARG D 207 18.57 -33.11 -4.85
CA ARG D 207 19.16 -34.34 -5.38
C ARG D 207 20.28 -34.04 -6.36
N SER D 208 20.08 -33.07 -7.23
CA SER D 208 21.12 -32.67 -8.17
C SER D 208 22.38 -32.19 -7.44
N LEU D 209 22.20 -31.25 -6.51
CA LEU D 209 23.36 -30.70 -5.80
C LEU D 209 24.08 -31.78 -5.00
N GLU D 210 23.35 -32.73 -4.41
CA GLU D 210 24.00 -33.81 -3.70
C GLU D 210 24.78 -34.71 -4.64
N LYS D 211 24.22 -35.00 -5.82
CA LYS D 211 24.94 -35.80 -6.81
C LYS D 211 26.24 -35.12 -7.23
N ILE D 212 26.17 -33.82 -7.51
CA ILE D 212 27.37 -33.06 -7.86
C ILE D 212 28.36 -33.04 -6.68
N SER D 213 27.85 -32.84 -5.46
CA SER D 213 28.74 -32.83 -4.29
C SER D 213 29.48 -34.15 -4.15
N ARG D 214 28.83 -35.25 -4.53
CA ARG D 214 29.54 -36.53 -4.53
C ARG D 214 30.52 -36.64 -5.70
N GLU D 215 30.13 -36.16 -6.88
CA GLU D 215 30.88 -36.43 -8.10
C GLU D 215 31.74 -35.25 -8.59
N VAL D 216 31.73 -34.12 -7.88
CA VAL D 216 32.45 -32.93 -8.32
C VAL D 216 33.33 -32.42 -7.18
N LYS D 217 34.52 -31.95 -7.53
CA LYS D 217 35.55 -31.57 -6.56
C LYS D 217 35.45 -30.12 -6.09
N SER D 218 34.58 -29.31 -6.68
CA SER D 218 34.54 -27.89 -6.31
C SER D 218 33.15 -27.33 -6.59
N ILE D 219 32.57 -26.67 -5.59
CA ILE D 219 31.26 -26.03 -5.70
C ILE D 219 31.37 -24.61 -5.15
N THR D 220 30.79 -23.65 -5.86
CA THR D 220 30.74 -22.26 -5.43
C THR D 220 29.29 -21.85 -5.21
N ILE D 221 29.01 -21.29 -4.05
CA ILE D 221 27.69 -20.77 -3.73
C ILE D 221 27.73 -19.25 -3.86
N ILE D 222 26.84 -18.70 -4.68
CA ILE D 222 26.74 -17.26 -4.87
C ILE D 222 25.69 -16.73 -3.89
N GLY D 223 26.08 -15.82 -3.03
CA GLY D 223 25.16 -15.23 -2.09
C GLY D 223 25.50 -15.62 -0.66
N GLY D 224 25.20 -14.71 0.27
CA GLY D 224 25.50 -14.94 1.67
C GLY D 224 24.29 -14.77 2.56
N GLY D 225 23.10 -14.96 1.99
CA GLY D 225 21.87 -14.88 2.75
C GLY D 225 21.65 -16.11 3.61
N PHE D 226 20.37 -16.44 3.81
CA PHE D 226 20.03 -17.61 4.60
C PHE D 226 20.39 -18.89 3.87
N LEU D 227 19.84 -19.07 2.67
CA LEU D 227 20.06 -20.30 1.91
C LEU D 227 21.53 -20.48 1.57
N GLY D 228 22.21 -19.39 1.18
CA GLY D 228 23.62 -19.50 0.86
C GLY D 228 24.45 -20.00 2.02
N SER D 229 24.23 -19.43 3.21
CA SER D 229 24.99 -19.85 4.38
C SER D 229 24.66 -21.27 4.80
N GLU D 230 23.38 -21.63 4.77
CA GLU D 230 23.00 -23.00 5.15
C GLU D 230 23.61 -24.02 4.20
N LEU D 231 23.52 -23.77 2.89
CA LEU D 231 24.13 -24.66 1.92
C LEU D 231 25.63 -24.69 2.06
N ALA D 232 26.25 -23.55 2.41
CA ALA D 232 27.68 -23.53 2.64
C ALA D 232 28.05 -24.45 3.80
N CYS D 233 27.30 -24.38 4.89
CA CYS D 233 27.59 -25.25 6.03
C CYS D 233 27.42 -26.72 5.66
N ALA D 234 26.32 -27.06 4.97
CA ALA D 234 26.08 -28.45 4.61
C ALA D 234 27.16 -28.98 3.67
N LEU D 235 27.50 -28.19 2.65
CA LEU D 235 28.52 -28.61 1.69
C LEU D 235 29.90 -28.64 2.32
N GLY D 236 30.16 -27.79 3.31
CA GLY D 236 31.43 -27.89 4.03
C GLY D 236 31.52 -29.16 4.85
N ARG D 237 30.42 -29.56 5.49
CA ARG D 237 30.40 -30.84 6.18
C ARG D 237 30.67 -31.98 5.20
N LYS D 238 30.00 -31.96 4.06
CA LYS D 238 30.21 -32.99 3.05
C LYS D 238 31.65 -33.00 2.54
N ALA D 239 32.23 -31.82 2.31
CA ALA D 239 33.60 -31.73 1.83
C ALA D 239 34.58 -32.25 2.85
N ARG D 240 34.40 -31.90 4.13
CA ARG D 240 35.26 -32.44 5.17
C ARG D 240 35.13 -33.97 5.23
N ALA D 241 33.93 -34.49 4.99
CA ALA D 241 33.77 -35.93 4.90
C ALA D 241 34.55 -36.50 3.71
N LEU D 242 34.56 -35.79 2.59
CA LEU D 242 35.15 -36.27 1.34
C LEU D 242 36.54 -35.73 1.06
N GLY D 243 36.80 -34.46 1.38
CA GLY D 243 38.04 -33.82 1.01
C GLY D 243 37.94 -32.83 -0.12
N THR D 244 36.73 -32.47 -0.54
CA THR D 244 36.53 -31.59 -1.68
C THR D 244 36.53 -30.13 -1.23
N GLU D 245 36.19 -29.23 -2.14
CA GLU D 245 36.31 -27.79 -1.93
C GLU D 245 34.95 -27.12 -2.10
N VAL D 246 34.66 -26.16 -1.22
CA VAL D 246 33.39 -25.43 -1.23
C VAL D 246 33.69 -23.95 -1.08
N ILE D 247 33.05 -23.13 -1.91
CA ILE D 247 33.26 -21.68 -1.93
C ILE D 247 31.92 -20.98 -1.75
N GLN D 248 31.92 -19.90 -0.97
CA GLN D 248 30.76 -19.03 -0.84
C GLN D 248 31.22 -17.58 -0.92
N LEU D 249 30.56 -16.79 -1.76
CA LEU D 249 30.89 -15.38 -1.91
C LEU D 249 29.62 -14.56 -1.95
N PHE D 250 29.71 -13.31 -1.51
CA PHE D 250 28.56 -12.44 -1.42
C PHE D 250 29.02 -10.99 -1.41
N PRO D 251 28.20 -10.05 -1.88
CA PRO D 251 28.60 -8.64 -1.83
C PRO D 251 28.73 -8.09 -0.43
N GLU D 252 27.96 -8.58 0.53
CA GLU D 252 27.96 -8.01 1.87
C GLU D 252 29.29 -8.28 2.58
N LYS D 253 29.39 -7.77 3.80
CA LYS D 253 30.58 -7.93 4.62
C LYS D 253 30.56 -9.20 5.45
N GLY D 254 29.44 -9.91 5.49
CA GLY D 254 29.34 -11.13 6.27
C GLY D 254 28.04 -11.84 5.97
N ASN D 255 27.95 -13.07 6.50
CA ASN D 255 26.75 -13.87 6.30
C ASN D 255 25.55 -13.23 6.99
N MET D 256 24.41 -13.24 6.29
CA MET D 256 23.19 -12.58 6.76
C MET D 256 23.44 -11.12 7.13
N GLY D 257 24.13 -10.41 6.24
CA GLY D 257 24.35 -8.99 6.45
C GLY D 257 23.08 -8.18 6.44
N LYS D 258 21.99 -8.73 5.92
CA LYS D 258 20.70 -8.05 5.89
C LYS D 258 19.88 -8.31 7.15
N ILE D 259 20.35 -9.17 8.06
CA ILE D 259 19.58 -9.61 9.21
C ILE D 259 20.31 -9.32 10.52
N LEU D 260 21.57 -9.67 10.59
CA LEU D 260 22.36 -9.50 11.80
C LEU D 260 23.17 -8.21 11.74
N PRO D 261 23.52 -7.63 12.89
CA PRO D 261 24.45 -6.51 12.89
C PRO D 261 25.83 -6.94 12.42
N GLU D 262 26.65 -5.94 12.09
CA GLU D 262 27.92 -6.22 11.40
C GLU D 262 28.84 -7.09 12.25
N TYR D 263 28.92 -6.84 13.55
CA TYR D 263 29.76 -7.68 14.40
C TYR D 263 29.23 -9.10 14.47
N LEU D 264 27.91 -9.25 14.59
CA LEU D 264 27.33 -10.59 14.64
C LEU D 264 27.47 -11.30 13.31
N SER D 265 27.30 -10.58 12.21
CA SER D 265 27.49 -11.18 10.89
C SER D 265 28.94 -11.61 10.68
N ASN D 266 29.90 -10.81 11.18
CA ASN D 266 31.30 -11.20 11.10
C ASN D 266 31.58 -12.44 11.93
N TRP D 267 31.00 -12.52 13.13
CA TRP D 267 31.17 -13.71 13.97
C TRP D 267 30.59 -14.94 13.28
N THR D 268 29.41 -14.79 12.67
CA THR D 268 28.79 -15.91 11.96
C THR D 268 29.62 -16.31 10.75
N MET D 269 30.20 -15.34 10.05
CA MET D 269 31.07 -15.65 8.92
C MET D 269 32.30 -16.42 9.38
N GLU D 270 32.88 -16.03 10.51
CA GLU D 270 34.00 -16.78 11.06
C GLU D 270 33.60 -18.21 11.39
N LYS D 271 32.40 -18.38 11.97
CA LYS D 271 31.91 -19.72 12.28
C LYS D 271 31.74 -20.57 11.03
N VAL D 272 31.13 -20.01 9.98
CA VAL D 272 30.93 -20.80 8.77
C VAL D 272 32.25 -21.07 8.06
N ARG D 273 33.23 -20.17 8.21
CA ARG D 273 34.57 -20.45 7.70
C ARG D 273 35.20 -21.62 8.44
N ARG D 274 35.04 -21.66 9.77
CA ARG D 274 35.51 -22.81 10.53
C ARG D 274 34.67 -24.06 10.30
N GLU D 275 33.52 -23.93 9.64
CA GLU D 275 32.76 -25.10 9.22
C GLU D 275 33.38 -25.82 8.03
N GLY D 276 34.54 -25.36 7.56
CA GLY D 276 35.22 -25.98 6.43
C GLY D 276 34.79 -25.39 5.11
N VAL D 277 34.58 -24.08 5.07
CA VAL D 277 34.06 -23.38 3.90
C VAL D 277 34.97 -22.21 3.57
N LYS D 278 35.26 -22.02 2.30
CA LYS D 278 35.95 -20.83 1.82
C LYS D 278 34.90 -19.74 1.61
N VAL D 279 34.95 -18.69 2.41
CA VAL D 279 33.99 -17.60 2.36
C VAL D 279 34.70 -16.35 1.86
N MET D 280 34.12 -15.72 0.83
CA MET D 280 34.72 -14.54 0.19
C MET D 280 33.75 -13.36 0.33
N PRO D 281 33.88 -12.55 1.37
CA PRO D 281 33.03 -11.36 1.49
C PRO D 281 33.46 -10.28 0.51
N ASN D 282 32.52 -9.36 0.26
CA ASN D 282 32.73 -8.21 -0.62
C ASN D 282 33.12 -8.66 -2.03
N ALA D 283 32.25 -9.46 -2.63
CA ALA D 283 32.47 -10.04 -3.95
C ALA D 283 31.31 -9.70 -4.86
N ILE D 284 31.58 -9.00 -5.96
CA ILE D 284 30.58 -8.66 -6.96
C ILE D 284 30.97 -9.37 -8.26
N VAL D 285 30.06 -10.21 -8.76
CA VAL D 285 30.36 -11.05 -9.92
C VAL D 285 30.16 -10.23 -11.19
N GLN D 286 31.24 -10.09 -11.97
CA GLN D 286 31.13 -9.42 -13.25
C GLN D 286 30.68 -10.37 -14.35
N SER D 287 31.41 -11.47 -14.54
CA SER D 287 31.10 -12.42 -15.61
C SER D 287 31.43 -13.83 -15.14
N VAL D 288 30.87 -14.80 -15.85
CA VAL D 288 31.16 -16.21 -15.63
C VAL D 288 31.33 -16.87 -16.99
N GLY D 289 32.40 -17.64 -17.15
CA GLY D 289 32.68 -18.26 -18.42
C GLY D 289 33.42 -19.57 -18.23
N VAL D 290 33.19 -20.49 -19.16
CA VAL D 290 33.81 -21.82 -19.11
C VAL D 290 35.24 -21.69 -19.61
N SER D 291 36.21 -21.91 -18.73
CA SER D 291 37.63 -21.88 -19.07
C SER D 291 38.27 -23.19 -18.65
N SER D 292 39.02 -23.80 -19.57
CA SER D 292 39.69 -25.07 -19.32
C SER D 292 38.70 -26.16 -18.89
N GLY D 293 37.49 -26.13 -19.44
CA GLY D 293 36.48 -27.12 -19.11
C GLY D 293 35.84 -26.96 -17.76
N LYS D 294 36.05 -25.82 -17.09
CA LYS D 294 35.45 -25.58 -15.78
C LYS D 294 35.02 -24.12 -15.70
N LEU D 295 34.05 -23.86 -14.82
CA LEU D 295 33.51 -22.52 -14.68
C LEU D 295 34.56 -21.57 -14.10
N LEU D 296 34.55 -20.33 -14.57
CA LEU D 296 35.49 -19.30 -14.13
C LEU D 296 34.70 -18.03 -13.84
N ILE D 297 34.51 -17.73 -12.56
CA ILE D 297 33.79 -16.54 -12.14
C ILE D 297 34.77 -15.38 -12.05
N LYS D 298 34.51 -14.31 -12.80
CA LYS D 298 35.34 -13.11 -12.76
C LYS D 298 34.64 -12.07 -11.91
N LEU D 299 35.27 -11.70 -10.80
CA LEU D 299 34.70 -10.73 -9.88
C LEU D 299 35.06 -9.31 -10.31
N LYS D 300 34.27 -8.35 -9.82
CA LYS D 300 34.53 -6.95 -10.16
C LYS D 300 35.81 -6.44 -9.52
N ASP D 301 36.31 -7.11 -8.49
CA ASP D 301 37.58 -6.75 -7.88
C ASP D 301 38.78 -7.32 -8.63
N GLY D 302 38.56 -8.19 -9.61
CA GLY D 302 39.61 -8.78 -10.40
C GLY D 302 39.99 -10.19 -10.00
N ARG D 303 39.57 -10.65 -8.83
CA ARG D 303 39.89 -12.00 -8.40
C ARG D 303 39.08 -13.02 -9.19
N LYS D 304 39.72 -14.14 -9.51
CA LYS D 304 39.09 -15.21 -10.26
C LYS D 304 38.71 -16.35 -9.32
N VAL D 305 37.61 -17.03 -9.65
CA VAL D 305 37.11 -18.15 -8.87
C VAL D 305 36.99 -19.34 -9.82
N GLU D 306 37.94 -20.27 -9.73
CA GLU D 306 37.86 -21.50 -10.50
C GLU D 306 36.97 -22.50 -9.75
N THR D 307 35.91 -22.96 -10.42
CA THR D 307 34.97 -23.87 -9.81
C THR D 307 34.40 -24.79 -10.87
N ASP D 308 33.81 -25.90 -10.42
CA ASP D 308 33.19 -26.86 -11.32
C ASP D 308 31.67 -26.82 -11.29
N HIS D 309 31.07 -26.24 -10.26
CA HIS D 309 29.63 -26.08 -10.18
C HIS D 309 29.32 -24.78 -9.45
N ILE D 310 28.15 -24.22 -9.75
CA ILE D 310 27.69 -22.97 -9.16
C ILE D 310 26.29 -23.17 -8.58
N VAL D 311 26.12 -22.77 -7.33
CA VAL D 311 24.80 -22.69 -6.71
C VAL D 311 24.50 -21.22 -6.47
N ALA D 312 23.47 -20.70 -7.16
CA ALA D 312 23.11 -19.30 -7.07
C ALA D 312 22.00 -19.15 -6.04
N ALA D 313 22.34 -18.57 -4.88
CA ALA D 313 21.37 -18.23 -3.85
C ALA D 313 21.44 -16.71 -3.68
N VAL D 314 20.72 -15.99 -4.54
CA VAL D 314 20.85 -14.55 -4.64
C VAL D 314 19.51 -13.88 -4.37
N GLY D 315 18.70 -14.49 -3.52
CA GLY D 315 17.42 -13.93 -3.16
C GLY D 315 16.28 -14.67 -3.82
N LEU D 316 15.07 -14.23 -3.48
CA LEU D 316 13.84 -14.84 -3.98
C LEU D 316 13.00 -13.76 -4.65
N GLU D 317 12.51 -14.07 -5.85
CA GLU D 317 11.58 -13.20 -6.55
C GLU D 317 10.18 -13.76 -6.41
N PRO D 318 9.27 -13.07 -5.71
CA PRO D 318 7.93 -13.62 -5.52
C PRO D 318 7.22 -13.82 -6.85
N ASN D 319 6.44 -14.89 -6.92
CA ASN D 319 5.71 -15.25 -8.14
C ASN D 319 4.48 -14.37 -8.23
N VAL D 320 4.59 -13.27 -8.98
CA VAL D 320 3.51 -12.30 -9.10
C VAL D 320 3.01 -12.26 -10.53
N GLU D 321 3.15 -13.38 -11.25
CA GLU D 321 2.67 -13.44 -12.62
C GLU D 321 1.15 -13.38 -12.69
N LEU D 322 0.46 -13.85 -11.63
CA LEU D 322 -0.99 -13.82 -11.61
C LEU D 322 -1.52 -12.41 -11.36
N ALA D 323 -0.72 -11.52 -10.77
CA ALA D 323 -1.19 -10.16 -10.50
C ALA D 323 -1.46 -9.40 -11.79
N LYS D 324 -0.62 -9.62 -12.81
CA LYS D 324 -0.78 -8.90 -14.07
C LYS D 324 -2.14 -9.20 -14.71
N THR D 325 -2.54 -10.47 -14.73
CA THR D 325 -3.83 -10.83 -15.31
C THR D 325 -4.99 -10.43 -14.41
N GLY D 326 -4.88 -10.71 -13.12
CA GLY D 326 -5.98 -10.47 -12.19
C GLY D 326 -6.17 -9.02 -11.80
N GLY D 327 -5.27 -8.14 -12.21
CA GLY D 327 -5.35 -6.75 -11.78
C GLY D 327 -5.15 -6.57 -10.30
N LEU D 328 -4.24 -7.33 -9.71
CA LEU D 328 -3.94 -7.26 -8.29
C LEU D 328 -2.76 -6.33 -8.06
N GLU D 329 -2.86 -5.50 -7.03
CA GLU D 329 -1.80 -4.53 -6.75
C GLU D 329 -0.54 -5.25 -6.27
N ILE D 330 0.60 -4.77 -6.75
CA ILE D 330 1.91 -5.28 -6.35
C ILE D 330 2.61 -4.20 -5.55
N ASP D 331 3.10 -4.57 -4.37
CA ASP D 331 3.80 -3.61 -3.53
C ASP D 331 5.12 -3.21 -4.19
N SER D 332 5.33 -1.90 -4.32
CA SER D 332 6.56 -1.41 -4.95
C SER D 332 7.76 -1.49 -4.03
N ASP D 333 7.54 -1.32 -2.72
CA ASP D 333 8.67 -1.29 -1.79
C ASP D 333 9.15 -2.69 -1.44
N PHE D 334 8.22 -3.58 -1.08
CA PHE D 334 8.59 -4.91 -0.61
C PHE D 334 8.43 -6.01 -1.66
N GLY D 335 7.66 -5.76 -2.71
CA GLY D 335 7.35 -6.79 -3.68
C GLY D 335 6.22 -7.68 -3.22
N GLY D 336 5.83 -8.59 -4.12
CA GLY D 336 4.74 -9.50 -3.82
C GLY D 336 3.39 -8.82 -3.86
N PHE D 337 2.37 -9.60 -3.54
CA PHE D 337 1.00 -9.10 -3.53
C PHE D 337 0.76 -8.25 -2.29
N ARG D 338 0.18 -7.07 -2.49
CA ARG D 338 -0.17 -6.19 -1.38
C ARG D 338 -1.48 -6.64 -0.76
N VAL D 339 -1.45 -6.91 0.54
CA VAL D 339 -2.65 -7.32 1.29
C VAL D 339 -2.73 -6.48 2.56
N ASN D 340 -3.88 -6.56 3.22
CA ASN D 340 -4.13 -5.79 4.43
C ASN D 340 -3.71 -6.60 5.66
N ALA D 341 -4.12 -6.14 6.85
CA ALA D 341 -3.74 -6.81 8.08
C ALA D 341 -4.27 -8.23 8.16
N GLU D 342 -5.37 -8.51 7.48
CA GLU D 342 -5.97 -9.84 7.48
C GLU D 342 -5.51 -10.70 6.32
N LEU D 343 -4.37 -10.37 5.71
CA LEU D 343 -3.82 -11.11 4.57
C LEU D 343 -4.81 -11.14 3.41
N GLN D 344 -5.56 -10.07 3.21
CA GLN D 344 -6.61 -10.02 2.20
C GLN D 344 -6.24 -9.03 1.11
N ALA D 345 -6.36 -9.47 -0.14
CA ALA D 345 -6.11 -8.63 -1.31
C ALA D 345 -7.40 -8.14 -1.96
N ARG D 346 -8.36 -9.03 -2.16
CA ARG D 346 -9.68 -8.68 -2.67
C ARG D 346 -10.72 -9.41 -1.82
N SER D 347 -11.99 -9.26 -2.20
CA SER D 347 -13.07 -9.74 -1.34
C SER D 347 -13.01 -11.24 -1.10
N ASN D 348 -12.49 -12.00 -2.07
CA ASN D 348 -12.44 -13.45 -1.94
C ASN D 348 -11.05 -14.01 -2.19
N ILE D 349 -10.03 -13.17 -2.15
CA ILE D 349 -8.66 -13.58 -2.44
C ILE D 349 -7.76 -13.18 -1.29
N TRP D 350 -7.09 -14.15 -0.70
CA TRP D 350 -6.07 -13.92 0.32
C TRP D 350 -4.71 -14.33 -0.22
N VAL D 351 -3.67 -13.71 0.33
CA VAL D 351 -2.29 -14.04 -0.04
C VAL D 351 -1.52 -14.32 1.25
N ALA D 352 -0.86 -15.46 1.31
CA ALA D 352 -0.10 -15.86 2.48
C ALA D 352 1.24 -16.43 2.05
N GLY D 353 2.20 -16.40 2.96
CA GLY D 353 3.49 -16.99 2.72
C GLY D 353 4.52 -16.05 2.12
N ASP D 354 5.28 -16.54 1.16
CA ASP D 354 6.43 -15.79 0.65
C ASP D 354 5.99 -14.60 -0.20
N ALA D 355 4.87 -14.72 -0.92
CA ALA D 355 4.43 -13.71 -1.85
C ALA D 355 3.50 -12.67 -1.24
N ALA D 356 3.27 -12.72 0.07
CA ALA D 356 2.33 -11.82 0.73
C ALA D 356 3.06 -10.65 1.34
N CYS D 357 2.72 -9.44 0.90
CA CYS D 357 3.17 -8.20 1.53
C CYS D 357 2.00 -7.67 2.35
N PHE D 358 2.07 -7.85 3.65
CA PHE D 358 0.95 -7.58 4.54
C PHE D 358 1.27 -6.41 5.47
N TYR D 359 0.25 -5.96 6.18
CA TYR D 359 0.35 -4.87 7.15
C TYR D 359 0.17 -5.45 8.55
N ASP D 360 1.27 -5.56 9.29
CA ASP D 360 1.17 -5.91 10.69
C ASP D 360 0.92 -4.64 11.50
N ILE D 361 -0.13 -4.66 12.31
CA ILE D 361 -0.56 -3.45 13.01
C ILE D 361 0.51 -2.96 13.98
N LYS D 362 1.23 -3.90 14.62
CA LYS D 362 2.24 -3.50 15.60
C LYS D 362 3.48 -2.92 14.94
N LEU D 363 3.91 -3.49 13.82
CA LEU D 363 5.22 -3.17 13.25
C LEU D 363 5.18 -2.53 11.87
N GLY D 364 4.06 -2.60 11.16
CA GLY D 364 3.93 -1.95 9.88
C GLY D 364 3.77 -2.94 8.74
N ARG D 365 4.11 -2.46 7.54
CA ARG D 365 3.99 -3.28 6.33
C ARG D 365 5.23 -4.16 6.18
N ARG D 366 5.02 -5.45 5.95
CA ARG D 366 6.09 -6.42 5.93
C ARG D 366 5.86 -7.48 4.86
N ARG D 367 6.95 -8.07 4.39
CA ARG D 367 6.93 -9.32 3.64
C ARG D 367 8.01 -10.21 4.23
N VAL D 368 7.60 -11.37 4.76
CA VAL D 368 8.50 -12.26 5.49
C VAL D 368 8.57 -13.59 4.75
N GLU D 369 9.78 -13.94 4.31
CA GLU D 369 10.02 -15.18 3.57
C GLU D 369 10.65 -16.21 4.48
N HIS D 370 9.82 -16.83 5.34
CA HIS D 370 10.32 -17.80 6.29
C HIS D 370 9.32 -18.93 6.48
N HIS D 371 9.82 -20.08 6.90
CA HIS D 371 8.98 -21.28 7.03
C HIS D 371 7.93 -21.09 8.12
N ASP D 372 8.34 -20.64 9.31
CA ASP D 372 7.38 -20.45 10.38
C ASP D 372 6.43 -19.30 10.05
N HIS D 373 6.91 -18.26 9.38
CA HIS D 373 5.99 -17.23 8.88
C HIS D 373 5.03 -17.81 7.86
N ALA D 374 5.51 -18.73 7.03
CA ALA D 374 4.61 -19.38 6.07
C ALA D 374 3.52 -20.15 6.81
N VAL D 375 3.88 -20.87 7.88
CA VAL D 375 2.89 -21.62 8.65
C VAL D 375 1.89 -20.67 9.31
N VAL D 376 2.39 -19.60 9.94
CA VAL D 376 1.53 -18.68 10.65
C VAL D 376 0.61 -17.94 9.68
N SER D 377 1.15 -17.49 8.54
CA SER D 377 0.36 -16.82 7.53
C SER D 377 -0.68 -17.75 6.93
N GLY D 378 -0.32 -19.01 6.68
CA GLY D 378 -1.30 -19.97 6.21
C GLY D 378 -2.40 -20.20 7.23
N ARG D 379 -2.05 -20.30 8.50
CA ARG D 379 -3.05 -20.47 9.54
C ARG D 379 -4.00 -19.28 9.59
N LEU D 380 -3.45 -18.07 9.60
CA LEU D 380 -4.28 -16.87 9.64
C LEU D 380 -5.14 -16.75 8.40
N ALA D 381 -4.58 -17.04 7.23
CA ALA D 381 -5.35 -16.98 5.99
C ALA D 381 -6.48 -18.00 5.99
N GLY D 382 -6.20 -19.23 6.43
CA GLY D 382 -7.26 -20.22 6.51
C GLY D 382 -8.35 -19.82 7.47
N GLU D 383 -7.98 -19.21 8.60
CA GLU D 383 -8.97 -18.69 9.53
C GLU D 383 -9.83 -17.62 8.85
N ASN D 384 -9.19 -16.72 8.10
CA ASN D 384 -9.92 -15.63 7.46
C ASN D 384 -10.85 -16.15 6.36
N MET D 385 -10.38 -17.11 5.55
CA MET D 385 -11.25 -17.68 4.52
C MET D 385 -12.36 -18.52 5.12
N THR D 386 -12.16 -19.07 6.32
CA THR D 386 -13.26 -19.78 6.97
C THR D 386 -14.37 -18.82 7.40
N GLY D 387 -14.03 -17.57 7.68
CA GLY D 387 -15.02 -16.58 8.05
C GLY D 387 -14.65 -15.74 9.26
N ALA D 388 -13.39 -15.83 9.67
CA ALA D 388 -12.89 -14.98 10.75
C ALA D 388 -12.42 -13.65 10.19
N ALA D 389 -11.95 -12.78 11.08
CA ALA D 389 -11.44 -11.47 10.69
C ALA D 389 -10.17 -11.12 11.46
N LYS D 390 -9.44 -12.13 11.91
CA LYS D 390 -8.28 -11.90 12.75
C LYS D 390 -7.18 -11.21 11.96
N PRO D 391 -6.63 -10.12 12.47
CA PRO D 391 -5.44 -9.52 11.84
C PRO D 391 -4.19 -10.31 12.24
N TYR D 392 -3.06 -9.91 11.68
CA TYR D 392 -1.79 -10.53 12.02
C TYR D 392 -1.41 -10.09 13.43
N TRP D 393 -1.68 -10.94 14.41
CA TRP D 393 -1.40 -10.65 15.81
C TRP D 393 -0.25 -11.48 16.35
N HIS D 394 -0.35 -12.80 16.24
CA HIS D 394 0.71 -13.69 16.69
C HIS D 394 1.93 -13.54 15.79
N GLN D 395 2.99 -12.92 16.32
CA GLN D 395 4.20 -12.75 15.54
C GLN D 395 4.84 -14.10 15.24
N SER D 396 5.31 -14.25 14.02
CA SER D 396 6.01 -15.46 13.61
C SER D 396 7.52 -15.27 13.78
N MET D 397 8.20 -16.38 14.06
CA MET D 397 9.64 -16.39 14.27
C MET D 397 10.32 -17.14 13.13
N PHE D 398 11.64 -17.24 13.22
CA PHE D 398 12.40 -18.13 12.35
C PHE D 398 13.70 -18.51 13.04
N TRP D 399 14.27 -19.62 12.60
CA TRP D 399 15.45 -20.20 13.22
C TRP D 399 16.49 -20.48 12.14
N SER D 400 17.76 -20.51 12.56
CA SER D 400 18.84 -20.86 11.67
C SER D 400 19.95 -21.53 12.47
N ASP D 401 20.51 -22.61 11.92
CA ASP D 401 21.59 -23.36 12.56
C ASP D 401 22.75 -23.43 11.58
N LEU D 402 23.70 -22.52 11.71
CA LEU D 402 24.89 -22.52 10.86
C LEU D 402 26.04 -23.22 11.58
N GLY D 403 25.89 -24.54 11.68
CA GLY D 403 26.84 -25.35 12.39
C GLY D 403 26.44 -25.54 13.84
N PRO D 404 27.17 -26.40 14.56
CA PRO D 404 26.85 -26.62 15.98
C PRO D 404 26.97 -25.37 16.83
N ASP D 405 27.90 -24.48 16.51
CA ASP D 405 28.16 -23.32 17.36
C ASP D 405 27.24 -22.14 17.08
N VAL D 406 26.51 -22.14 15.98
CA VAL D 406 25.58 -21.06 15.64
C VAL D 406 24.18 -21.64 15.58
N GLY D 407 23.32 -21.17 16.48
CA GLY D 407 21.90 -21.49 16.45
C GLY D 407 21.13 -20.36 17.08
N TYR D 408 20.15 -19.81 16.39
CA TYR D 408 19.49 -18.60 16.85
C TYR D 408 18.03 -18.61 16.46
N GLU D 409 17.24 -17.82 17.20
CA GLU D 409 15.85 -17.58 16.89
C GLU D 409 15.62 -16.07 16.82
N ALA D 410 14.65 -15.67 16.00
CA ALA D 410 14.40 -14.25 15.79
C ALA D 410 12.91 -14.04 15.59
N ILE D 411 12.41 -12.92 16.12
CA ILE D 411 11.00 -12.59 16.05
C ILE D 411 10.87 -11.08 15.80
N GLY D 412 9.83 -10.72 15.06
CA GLY D 412 9.58 -9.32 14.77
C GLY D 412 10.49 -8.78 13.68
N LEU D 413 10.58 -7.44 13.64
CA LEU D 413 11.37 -6.77 12.61
C LEU D 413 12.86 -6.96 12.87
N VAL D 414 13.44 -7.99 12.27
CA VAL D 414 14.87 -8.26 12.38
C VAL D 414 15.48 -7.76 11.08
N ASP D 415 15.89 -6.49 11.07
CA ASP D 415 16.52 -5.87 9.92
C ASP D 415 17.83 -5.24 10.34
N SER D 416 18.87 -5.44 9.53
CA SER D 416 20.18 -4.87 9.84
C SER D 416 20.18 -3.35 9.75
N SER D 417 19.17 -2.76 9.10
CA SER D 417 19.09 -1.30 9.01
C SER D 417 18.64 -0.68 10.33
N LEU D 418 17.82 -1.38 11.09
CA LEU D 418 17.34 -0.86 12.36
C LEU D 418 18.47 -0.83 13.39
N PRO D 419 18.49 0.17 14.27
CA PRO D 419 19.45 0.15 15.38
C PRO D 419 19.12 -0.98 16.35
N THR D 420 20.17 -1.50 16.98
CA THR D 420 20.02 -2.66 17.85
C THR D 420 20.78 -2.45 19.15
N VAL D 421 20.33 -3.17 20.17
CA VAL D 421 21.02 -3.26 21.45
C VAL D 421 21.22 -4.73 21.76
N GLY D 422 22.47 -5.16 21.89
CA GLY D 422 22.81 -6.55 22.15
C GLY D 422 23.35 -6.72 23.55
N VAL D 423 22.80 -7.69 24.27
CA VAL D 423 23.25 -8.07 25.60
C VAL D 423 23.71 -9.51 25.52
N PHE D 424 24.99 -9.74 25.78
CA PHE D 424 25.60 -11.06 25.64
C PHE D 424 26.19 -11.51 26.96
N ALA D 425 26.03 -12.79 27.27
CA ALA D 425 26.52 -13.35 28.51
C ALA D 425 28.04 -13.27 28.57
N LYS D 426 28.55 -12.91 29.75
CA LYS D 426 29.98 -12.81 30.01
C LYS D 426 30.68 -11.88 29.01
N GLU D 474 34.85 -9.76 22.46
CA GLU D 474 34.80 -10.18 21.06
C GLU D 474 33.95 -11.44 20.90
N ASP D 475 33.76 -12.17 22.00
CA ASP D 475 33.01 -13.42 21.97
C ASP D 475 31.52 -13.13 22.08
N TYR D 476 30.75 -13.63 21.12
CA TYR D 476 29.31 -13.44 21.06
C TYR D 476 28.58 -14.78 21.19
N GLY D 477 29.02 -15.61 22.11
CA GLY D 477 28.46 -16.94 22.28
C GLY D 477 26.98 -16.96 22.59
N LYS D 478 26.60 -16.47 23.78
CA LYS D 478 25.21 -16.46 24.22
C LYS D 478 24.75 -15.02 24.41
N GLY D 479 23.46 -14.80 24.24
CA GLY D 479 22.90 -13.48 24.48
C GLY D 479 21.60 -13.26 23.73
N VAL D 480 21.21 -12.00 23.65
CA VAL D 480 19.97 -11.60 23.01
C VAL D 480 20.15 -10.20 22.42
N ILE D 481 19.56 -9.97 21.25
CA ILE D 481 19.68 -8.72 20.53
C ILE D 481 18.30 -8.12 20.33
N PHE D 482 18.14 -6.86 20.72
CA PHE D 482 16.86 -6.15 20.60
C PHE D 482 16.94 -5.16 19.43
N TYR D 483 15.94 -5.22 18.56
CA TYR D 483 15.84 -4.30 17.44
C TYR D 483 14.84 -3.19 17.80
N LEU D 484 15.28 -1.95 17.68
CA LEU D 484 14.53 -0.80 18.18
C LEU D 484 14.17 0.12 17.02
N ARG D 485 12.91 0.53 16.97
CA ARG D 485 12.46 1.50 15.98
C ARG D 485 12.50 2.93 16.54
N ASP D 486 11.71 3.19 17.60
CA ASP D 486 11.81 4.43 18.36
C ASP D 486 11.68 4.03 19.84
N LYS D 487 12.81 3.62 20.43
CA LYS D 487 12.90 3.13 21.80
C LYS D 487 11.96 1.96 22.08
N VAL D 488 11.36 1.38 21.04
CA VAL D 488 10.41 0.28 21.18
C VAL D 488 11.02 -0.95 20.55
N VAL D 489 10.99 -2.07 21.27
CA VAL D 489 11.54 -3.32 20.76
C VAL D 489 10.63 -3.87 19.67
N VAL D 490 11.07 -3.72 18.41
CA VAL D 490 10.30 -4.25 17.30
C VAL D 490 10.77 -5.64 16.87
N GLY D 491 11.99 -6.02 17.22
CA GLY D 491 12.50 -7.33 16.88
C GLY D 491 13.50 -7.81 17.90
N ILE D 492 13.55 -9.13 18.10
CA ILE D 492 14.43 -9.75 19.07
C ILE D 492 15.13 -10.93 18.39
N VAL D 493 16.45 -11.03 18.57
CA VAL D 493 17.22 -12.18 18.13
C VAL D 493 17.69 -12.92 19.38
N LEU D 494 17.19 -14.15 19.56
CA LEU D 494 17.62 -15.00 20.66
C LEU D 494 18.86 -15.78 20.20
N TRP D 495 20.03 -15.35 20.66
CA TRP D 495 21.30 -15.85 20.17
C TRP D 495 21.79 -16.96 21.09
N ASN D 496 21.72 -18.21 20.60
CA ASN D 496 22.22 -19.39 21.32
C ASN D 496 21.55 -19.56 22.68
N ILE D 497 20.28 -19.19 22.77
CA ILE D 497 19.46 -19.47 23.95
C ILE D 497 18.16 -20.11 23.49
N PHE D 498 17.70 -21.11 24.23
CA PHE D 498 16.57 -21.92 23.83
C PHE D 498 15.51 -21.91 24.93
N ASN D 499 14.28 -22.18 24.53
CA ASN D 499 13.11 -22.14 25.40
C ASN D 499 12.91 -20.76 26.02
N ARG D 500 13.38 -19.71 25.35
CA ARG D 500 13.23 -18.33 25.83
C ARG D 500 12.39 -17.49 24.90
N MET D 501 11.68 -18.10 23.95
CA MET D 501 10.85 -17.39 22.99
C MET D 501 9.60 -16.76 23.61
N PRO D 502 8.94 -17.39 24.60
CA PRO D 502 7.78 -16.72 25.21
C PRO D 502 8.11 -15.35 25.79
N ILE D 503 9.29 -15.20 26.41
CA ILE D 503 9.66 -13.91 26.97
C ILE D 503 9.84 -12.87 25.86
N ALA D 504 10.52 -13.24 24.78
CA ALA D 504 10.70 -12.32 23.67
C ALA D 504 9.37 -11.94 23.03
N ARG D 505 8.47 -12.91 22.89
CA ARG D 505 7.15 -12.64 22.33
C ARG D 505 6.36 -11.69 23.23
N LYS D 506 6.45 -11.88 24.55
CA LYS D 506 5.80 -10.97 25.48
C LYS D 506 6.38 -9.56 25.37
N ILE D 507 7.70 -9.46 25.25
CA ILE D 507 8.34 -8.14 25.12
C ILE D 507 7.88 -7.46 23.83
N ILE D 508 7.81 -8.21 22.73
CA ILE D 508 7.37 -7.64 21.46
C ILE D 508 5.92 -7.20 21.54
N LYS D 509 5.08 -7.99 22.23
CA LYS D 509 3.64 -7.72 22.25
C LYS D 509 3.33 -6.36 22.84
N ASP D 510 4.03 -5.99 23.92
CA ASP D 510 3.83 -4.66 24.50
C ASP D 510 4.70 -3.64 23.78
N GLY D 511 4.19 -2.41 23.69
CA GLY D 511 4.90 -1.34 23.02
C GLY D 511 5.65 -0.46 23.98
N GLU D 512 6.02 -1.01 25.13
CA GLU D 512 6.67 -0.23 26.18
C GLU D 512 7.99 0.34 25.68
N GLN D 513 8.20 1.63 25.94
CA GLN D 513 9.46 2.30 25.61
C GLN D 513 10.42 2.08 26.78
N HIS D 514 11.28 1.07 26.65
CA HIS D 514 12.18 0.71 27.72
C HIS D 514 13.34 1.70 27.80
N GLU D 515 13.62 2.19 29.01
CA GLU D 515 14.72 3.13 29.18
C GLU D 515 16.06 2.45 28.98
N ASP D 516 16.33 1.42 29.76
CA ASP D 516 17.50 0.56 29.56
C ASP D 516 17.03 -0.86 29.26
N LEU D 517 17.76 -1.54 28.38
CA LEU D 517 17.39 -2.88 27.95
C LEU D 517 18.14 -3.97 28.70
N ASN D 518 19.11 -3.60 29.54
CA ASN D 518 19.75 -4.60 30.39
C ASN D 518 18.75 -5.19 31.38
N GLU D 519 17.89 -4.35 31.94
CA GLU D 519 16.83 -4.84 32.82
C GLU D 519 15.87 -5.74 32.07
N VAL D 520 15.53 -5.37 30.83
CA VAL D 520 14.68 -6.23 30.01
C VAL D 520 15.39 -7.54 29.70
N ALA D 521 16.68 -7.47 29.38
CA ALA D 521 17.45 -8.69 29.10
C ALA D 521 17.57 -9.57 30.34
N LYS D 522 17.43 -8.99 31.53
CA LYS D 522 17.47 -9.78 32.76
C LYS D 522 16.35 -10.81 32.80
N LEU D 523 15.26 -10.58 32.07
CA LEU D 523 14.22 -11.58 31.97
C LEU D 523 14.72 -12.85 31.31
N PHE D 524 15.65 -12.73 30.37
CA PHE D 524 16.32 -13.88 29.77
C PHE D 524 17.51 -14.26 30.65
N ASN D 525 17.43 -15.44 31.28
CA ASN D 525 18.54 -15.95 32.09
C ASN D 525 19.62 -16.50 31.15
N ILE D 526 20.28 -15.56 30.46
CA ILE D 526 21.24 -15.95 29.42
C ILE D 526 22.42 -16.70 30.02
N HIS D 527 22.73 -16.47 31.29
CA HIS D 527 23.81 -17.20 31.95
C HIS D 527 23.29 -18.53 32.51
#